data_3N9Z
#
_entry.id   3N9Z
#
_cell.length_a   83.383
_cell.length_b   115.095
_cell.length_c   86.213
_cell.angle_alpha   90.00
_cell.angle_beta   101.82
_cell.angle_gamma   90.00
#
_symmetry.space_group_name_H-M   'P 1 21 1'
#
loop_
_entity.id
_entity.type
_entity.pdbx_description
1 polymer 'Cholesterol side-chain cleavage enzyme'
2 polymer Adrenodoxin
3 non-polymer 'PROTOPORPHYRIN IX CONTAINING FE'
4 non-polymer (3alpha,8alpha,22R)-cholest-5-ene-3,22-diol
5 non-polymer 'FE2/S2 (INORGANIC) CLUSTER'
6 water water
#
loop_
_entity_poly.entity_id
_entity_poly.type
_entity_poly.pdbx_seq_one_letter_code
_entity_poly.pdbx_strand_id
1 'polypeptide(L)'
;STRSPRPFNEIPSPGDNGWLNLYHFWRETGTHKVHLHHVQNFQKYGPIYREKLGNVESVYVIDPEDVALLFKSEGPNPER
FLIPPWVAYHQYYQRPIGVLLKKSAAWKKDRVALNQEVMAPEATKNFLPLLDAVSRDFVSVLHRRIKKAGSGNYSGDISD
DLFRFAFESITNVIFGERQGMLEEVVNPEAQRFIDAIYQMFHTSVPMLNLPPDLFRLFRTKTWKDHVAAWDVIFSKADIY
TQNFYWELRQKGSVHHDYRGILYRLLGDSKMSFEDIKANVTEMLAGGVDTTSMTLQWHLYEMARNLKVQDMLRAEVLAAR
HQAQGDMATMLQLVPLLKASIKETLRLHPISVTLQRYLVNDLVLRDYMIPAKTLVQVAIYALGREPTFFFDPENFDPTRW
LSKDKNITYFRNLGFGWGVRQCLGRRIAELEMTIFLINMLENFRVEIQHLSDVGTTFNLILMPEKPISFTFWPFNQEATQ
QHHHHHH
;
A,B
2 'polypeptide(L)'
;SSEDKITVHFINRDGETLTTKGKVGDSLLDVVVENNLDIDGFGACEGTLACSTCHLIFEDHIYEKLDAITDEENDMLDLA
YGLTDRSRLGCQICLTKSMDNMTVRVPETVADARQSIDVGKTS
;
C,D
#
loop_
_chem_comp.id
_chem_comp.type
_chem_comp.name
_chem_comp.formula
FES non-polymer 'FE2/S2 (INORGANIC) CLUSTER' 'Fe2 S2'
HC9 non-polymer (3alpha,8alpha,22R)-cholest-5-ene-3,22-diol 'C27 H46 O2'
HEM non-polymer 'PROTOPORPHYRIN IX CONTAINING FE' 'C34 H32 Fe N4 O4'
#
# COMPACT_ATOMS: atom_id res chain seq x y z
N PRO A 5 45.95 -3.52 -41.73
CA PRO A 5 44.86 -4.06 -40.89
C PRO A 5 45.40 -4.90 -39.72
N ARG A 6 45.24 -4.38 -38.51
CA ARG A 6 45.76 -5.02 -37.30
C ARG A 6 45.09 -6.37 -37.04
N PRO A 7 45.87 -7.38 -36.59
CA PRO A 7 45.33 -8.70 -36.29
C PRO A 7 44.45 -8.70 -35.04
N PHE A 8 43.68 -9.77 -34.87
CA PHE A 8 42.74 -9.94 -33.75
C PHE A 8 43.39 -9.79 -32.36
N ASN A 9 44.58 -10.36 -32.19
CA ASN A 9 45.23 -10.35 -30.86
C ASN A 9 45.61 -8.97 -30.34
N GLU A 10 45.58 -7.96 -31.22
CA GLU A 10 45.94 -6.59 -30.82
C GLU A 10 44.78 -5.77 -30.26
N ILE A 11 43.56 -6.25 -30.47
CA ILE A 11 42.38 -5.67 -29.86
C ILE A 11 42.59 -5.63 -28.34
N PRO A 12 42.47 -4.45 -27.71
CA PRO A 12 42.64 -4.33 -26.26
C PRO A 12 41.85 -5.38 -25.48
N SER A 13 42.41 -5.84 -24.36
CA SER A 13 41.87 -6.98 -23.63
C SER A 13 42.45 -7.02 -22.21
N PRO A 14 41.65 -7.49 -21.22
CA PRO A 14 42.21 -7.78 -19.89
C PRO A 14 43.23 -8.92 -19.87
N GLY A 15 43.21 -9.79 -20.89
CA GLY A 15 44.09 -10.96 -20.95
C GLY A 15 43.37 -12.17 -21.52
N ASP A 16 44.10 -13.25 -21.74
CA ASP A 16 43.54 -14.44 -22.41
C ASP A 16 43.01 -15.54 -21.49
N ASN A 17 43.23 -15.40 -20.19
CA ASN A 17 42.73 -16.37 -19.23
C ASN A 17 41.29 -16.05 -18.83
N GLY A 18 40.35 -16.78 -19.44
CA GLY A 18 38.91 -16.58 -19.22
C GLY A 18 38.43 -16.78 -17.80
N TRP A 19 39.07 -17.71 -17.08
CA TRP A 19 38.69 -18.01 -15.70
C TRP A 19 39.17 -16.93 -14.76
N LEU A 20 40.36 -16.39 -15.03
CA LEU A 20 40.90 -15.26 -14.29
C LEU A 20 40.07 -13.99 -14.54
N ASN A 21 39.71 -13.75 -15.81
CA ASN A 21 38.81 -12.62 -16.14
C ASN A 21 37.46 -12.71 -15.42
N LEU A 22 36.94 -13.93 -15.32
CA LEU A 22 35.67 -14.19 -14.64
C LEU A 22 35.83 -13.92 -13.16
N TYR A 23 36.96 -14.36 -12.61
CA TYR A 23 37.29 -14.11 -11.21
C TYR A 23 37.30 -12.61 -10.91
N HIS A 24 37.97 -11.82 -11.74
CA HIS A 24 38.02 -10.37 -11.50
C HIS A 24 36.68 -9.67 -11.69
N PHE A 25 35.89 -10.13 -12.67
CA PHE A 25 34.55 -9.60 -12.90
C PHE A 25 33.69 -9.82 -11.66
N TRP A 26 33.63 -11.06 -11.15
CA TRP A 26 32.83 -11.37 -9.96
C TRP A 26 33.26 -10.61 -8.72
N ARG A 27 34.56 -10.48 -8.52
CA ARG A 27 35.11 -9.81 -7.33
C ARG A 27 34.88 -8.29 -7.33
N GLU A 28 35.13 -7.64 -8.47
CA GLU A 28 35.13 -6.17 -8.56
C GLU A 28 33.77 -5.55 -8.87
N THR A 29 32.97 -6.24 -9.68
CA THR A 29 31.74 -5.67 -10.21
C THR A 29 30.54 -6.52 -9.81
N GLY A 30 30.65 -7.83 -9.98
CA GLY A 30 29.59 -8.74 -9.59
C GLY A 30 28.69 -9.11 -10.74
N THR A 31 28.12 -10.32 -10.63
CA THR A 31 27.27 -10.91 -11.66
C THR A 31 26.07 -10.06 -12.05
N HIS A 32 25.48 -9.39 -11.06
CA HIS A 32 24.26 -8.64 -11.25
C HIS A 32 24.51 -7.21 -11.73
N LYS A 33 25.75 -6.92 -12.10
CA LYS A 33 26.17 -5.60 -12.54
C LYS A 33 26.96 -5.65 -13.84
N VAL A 34 26.67 -6.64 -14.68
CA VAL A 34 27.39 -6.81 -15.94
C VAL A 34 27.33 -5.55 -16.84
N HIS A 35 26.23 -4.81 -16.75
CA HIS A 35 26.05 -3.56 -17.50
C HIS A 35 27.08 -2.49 -17.09
N LEU A 36 27.38 -2.40 -15.80
CA LEU A 36 28.41 -1.48 -15.29
C LEU A 36 29.79 -1.94 -15.74
N HIS A 37 29.97 -3.25 -15.80
CA HIS A 37 31.22 -3.86 -16.21
C HIS A 37 31.54 -3.47 -17.66
N HIS A 38 30.52 -3.43 -18.52
CA HIS A 38 30.66 -2.94 -19.89
C HIS A 38 31.04 -1.45 -19.94
N VAL A 39 30.33 -0.63 -19.18
CA VAL A 39 30.63 0.81 -19.10
C VAL A 39 32.11 1.02 -18.73
N GLN A 40 32.53 0.43 -17.63
CA GLN A 40 33.90 0.53 -17.13
C GLN A 40 34.95 0.05 -18.14
N ASN A 41 34.63 -1.02 -18.87
CA ASN A 41 35.55 -1.57 -19.87
C ASN A 41 35.82 -0.64 -21.05
N PHE A 42 34.76 -0.03 -21.61
CA PHE A 42 34.96 0.99 -22.66
C PHE A 42 35.77 2.20 -22.18
N GLN A 43 35.57 2.61 -20.93
CA GLN A 43 36.37 3.70 -20.36
C GLN A 43 37.84 3.31 -20.20
N LYS A 44 38.08 2.02 -19.96
CA LYS A 44 39.42 1.49 -19.78
C LYS A 44 40.15 1.19 -21.11
N TYR A 45 39.42 0.63 -22.08
CA TYR A 45 40.04 0.12 -23.31
C TYR A 45 39.80 0.94 -24.58
N GLY A 46 38.77 1.80 -24.55
CA GLY A 46 38.35 2.50 -25.73
C GLY A 46 37.09 1.89 -26.31
N PRO A 47 36.73 2.29 -27.54
CA PRO A 47 35.45 1.95 -28.18
C PRO A 47 35.32 0.51 -28.70
N ILE A 48 36.40 -0.26 -28.63
CA ILE A 48 36.36 -1.69 -28.96
C ILE A 48 37.30 -2.50 -28.06
N TYR A 49 36.83 -3.64 -27.61
CA TYR A 49 37.68 -4.55 -26.85
C TYR A 49 37.24 -6.02 -27.01
N ARG A 50 38.09 -6.93 -26.58
CA ARG A 50 37.72 -8.33 -26.51
C ARG A 50 37.87 -8.80 -25.07
N GLU A 51 36.99 -9.71 -24.67
CA GLU A 51 37.08 -10.34 -23.35
C GLU A 51 36.56 -11.75 -23.41
N LYS A 52 37.41 -12.69 -23.00
CA LYS A 52 37.01 -14.06 -22.75
C LYS A 52 36.51 -14.16 -21.30
N LEU A 53 35.22 -14.47 -21.15
CA LEU A 53 34.65 -14.77 -19.85
C LEU A 53 34.34 -16.24 -19.76
N GLY A 54 35.05 -16.92 -18.86
CA GLY A 54 35.00 -18.38 -18.77
C GLY A 54 35.39 -19.02 -20.07
N ASN A 55 34.41 -19.65 -20.71
CA ASN A 55 34.62 -20.34 -22.00
C ASN A 55 34.36 -19.46 -23.23
N VAL A 56 33.52 -18.43 -23.06
CA VAL A 56 33.07 -17.58 -24.16
C VAL A 56 33.90 -16.29 -24.35
N GLU A 57 34.48 -16.17 -25.55
CA GLU A 57 35.15 -14.97 -25.99
C GLU A 57 34.23 -14.11 -26.88
N SER A 58 34.29 -12.80 -26.68
CA SER A 58 33.54 -11.87 -27.50
C SER A 58 34.35 -10.64 -27.80
N VAL A 59 34.02 -9.99 -28.92
CA VAL A 59 34.47 -8.64 -29.21
C VAL A 59 33.30 -7.73 -28.87
N TYR A 60 33.59 -6.64 -28.15
CA TYR A 60 32.56 -5.69 -27.74
C TYR A 60 32.72 -4.36 -28.45
N VAL A 61 31.60 -3.86 -28.96
CA VAL A 61 31.57 -2.54 -29.63
C VAL A 61 30.50 -1.65 -29.01
N ILE A 62 30.67 -0.34 -29.21
CA ILE A 62 29.78 0.68 -28.66
C ILE A 62 29.38 1.73 -29.71
N ASP A 63 30.25 1.97 -30.68
CA ASP A 63 30.01 2.99 -31.73
C ASP A 63 28.93 2.56 -32.71
N PRO A 64 27.87 3.39 -32.87
CA PRO A 64 26.82 3.12 -33.86
C PRO A 64 27.36 2.91 -35.28
N GLU A 65 28.52 3.49 -35.57
CA GLU A 65 29.15 3.36 -36.88
C GLU A 65 29.71 1.95 -37.09
N ASP A 66 30.22 1.36 -36.01
CA ASP A 66 30.66 -0.05 -36.01
C ASP A 66 29.47 -1.01 -36.00
N VAL A 67 28.41 -0.64 -35.29
CA VAL A 67 27.17 -1.41 -35.26
C VAL A 67 26.60 -1.55 -36.67
N ALA A 68 26.60 -0.45 -37.42
CA ALA A 68 26.12 -0.43 -38.80
C ALA A 68 26.86 -1.41 -39.70
N LEU A 69 28.18 -1.46 -39.54
CA LEU A 69 29.02 -2.38 -40.29
C LEU A 69 28.75 -3.84 -39.92
N LEU A 70 28.55 -4.09 -38.63
CA LEU A 70 28.23 -5.44 -38.16
C LEU A 70 26.94 -5.96 -38.82
N PHE A 71 25.90 -5.13 -38.82
CA PHE A 71 24.61 -5.56 -39.31
C PHE A 71 24.49 -5.58 -40.84
N LYS A 72 25.31 -4.79 -41.53
CA LYS A 72 25.39 -4.83 -43.00
C LYS A 72 26.00 -6.13 -43.52
N SER A 73 26.95 -6.70 -42.76
CA SER A 73 27.64 -7.92 -43.16
C SER A 73 26.87 -9.18 -42.77
N GLU A 74 25.68 -8.98 -42.21
CA GLU A 74 24.86 -10.07 -41.70
C GLU A 74 24.41 -11.01 -42.81
N GLY A 75 24.47 -12.30 -42.53
CA GLY A 75 23.99 -13.34 -43.44
C GLY A 75 22.48 -13.53 -43.37
N PRO A 76 21.95 -14.44 -44.21
CA PRO A 76 20.49 -14.67 -44.28
C PRO A 76 19.90 -15.31 -43.01
N ASN A 77 20.68 -16.12 -42.31
CA ASN A 77 20.23 -16.80 -41.09
C ASN A 77 21.10 -16.43 -39.87
N PRO A 78 20.92 -15.22 -39.31
CA PRO A 78 21.79 -14.76 -38.23
C PRO A 78 21.65 -15.58 -36.95
N GLU A 79 22.73 -15.64 -36.19
CA GLU A 79 22.74 -16.33 -34.92
C GLU A 79 23.25 -15.37 -33.85
N ARG A 80 22.54 -15.32 -32.73
CA ARG A 80 22.98 -14.55 -31.57
C ARG A 80 23.56 -15.53 -30.56
N PHE A 81 23.97 -15.01 -29.41
CA PHE A 81 24.44 -15.85 -28.30
C PHE A 81 23.28 -16.61 -27.66
N LEU A 82 23.46 -17.92 -27.53
CA LEU A 82 22.48 -18.80 -26.90
C LEU A 82 22.81 -18.96 -25.42
N ILE A 83 21.79 -18.78 -24.57
CA ILE A 83 21.94 -18.91 -23.13
C ILE A 83 22.13 -20.41 -22.75
N PRO A 84 23.32 -20.77 -22.26
CA PRO A 84 23.63 -22.20 -22.05
C PRO A 84 22.70 -22.96 -21.10
N PRO A 85 22.31 -22.36 -19.95
CA PRO A 85 21.32 -23.13 -19.15
C PRO A 85 20.01 -23.38 -19.88
N TRP A 86 19.59 -22.45 -20.73
CA TRP A 86 18.34 -22.64 -21.52
C TRP A 86 18.51 -23.78 -22.50
N VAL A 87 19.65 -23.80 -23.20
CA VAL A 87 19.96 -24.85 -24.18
C VAL A 87 20.05 -26.21 -23.48
N ALA A 88 20.83 -26.28 -22.41
CA ALA A 88 21.01 -27.54 -21.68
C ALA A 88 19.70 -28.11 -21.19
N TYR A 89 18.82 -27.25 -20.65
CA TYR A 89 17.53 -27.71 -20.18
C TYR A 89 16.69 -28.34 -21.31
N HIS A 90 16.62 -27.69 -22.45
CA HIS A 90 15.83 -28.18 -23.58
C HIS A 90 16.40 -29.49 -24.13
N GLN A 91 17.72 -29.57 -24.23
CA GLN A 91 18.39 -30.76 -24.73
C GLN A 91 18.26 -31.93 -23.76
N TYR A 92 18.63 -31.69 -22.50
CA TYR A 92 18.59 -32.77 -21.51
C TYR A 92 17.18 -33.30 -21.27
N TYR A 93 16.22 -32.41 -21.05
CA TYR A 93 14.84 -32.81 -20.81
C TYR A 93 14.01 -32.97 -22.09
N GLN A 94 14.69 -32.95 -23.23
CA GLN A 94 14.06 -33.18 -24.56
C GLN A 94 12.77 -32.38 -24.79
N ARG A 95 12.83 -31.06 -24.58
CA ARG A 95 11.68 -30.21 -24.84
C ARG A 95 11.76 -29.65 -26.25
N PRO A 96 10.62 -29.61 -26.96
CA PRO A 96 10.68 -29.05 -28.31
C PRO A 96 11.07 -27.57 -28.26
N ILE A 97 11.94 -27.17 -29.17
CA ILE A 97 12.45 -25.81 -29.21
C ILE A 97 11.67 -24.97 -30.22
N GLY A 98 11.59 -23.69 -29.93
CA GLY A 98 10.97 -22.75 -30.84
C GLY A 98 12.02 -21.92 -31.55
N VAL A 99 11.56 -20.81 -32.11
CA VAL A 99 12.37 -19.97 -32.96
C VAL A 99 13.62 -19.44 -32.23
N LEU A 100 13.48 -19.17 -30.93
CA LEU A 100 14.60 -18.66 -30.13
C LEU A 100 15.84 -19.55 -30.11
N LEU A 101 15.63 -20.86 -30.15
CA LEU A 101 16.74 -21.79 -29.99
C LEU A 101 17.14 -22.51 -31.28
N LYS A 102 16.42 -22.23 -32.37
CA LYS A 102 16.70 -22.79 -33.69
C LYS A 102 17.73 -21.96 -34.45
N LYS A 103 18.26 -22.54 -35.53
CA LYS A 103 19.20 -21.86 -36.42
C LYS A 103 18.96 -22.24 -37.88
N SER A 104 19.64 -21.54 -38.78
CA SER A 104 19.58 -21.73 -40.25
C SER A 104 18.18 -21.96 -40.80
N ALA A 105 18.03 -22.95 -41.67
CA ALA A 105 16.80 -23.17 -42.44
C ALA A 105 15.60 -23.50 -41.56
N ALA A 106 15.85 -24.23 -40.46
CA ALA A 106 14.79 -24.58 -39.53
C ALA A 106 14.27 -23.34 -38.79
N TRP A 107 15.16 -22.40 -38.47
CA TRP A 107 14.77 -21.14 -37.85
C TRP A 107 13.94 -20.31 -38.83
N LYS A 108 14.39 -20.25 -40.08
CA LYS A 108 13.73 -19.46 -41.11
C LYS A 108 12.28 -19.88 -41.36
N LYS A 109 12.05 -21.19 -41.45
CA LYS A 109 10.72 -21.74 -41.65
C LYS A 109 9.74 -21.34 -40.54
N ASP A 110 10.18 -21.45 -39.28
CA ASP A 110 9.40 -20.98 -38.13
C ASP A 110 9.16 -19.47 -38.18
N ARG A 111 10.22 -18.71 -38.40
CA ARG A 111 10.16 -17.25 -38.36
C ARG A 111 9.20 -16.68 -39.40
N VAL A 112 9.34 -17.13 -40.64
CA VAL A 112 8.45 -16.73 -41.73
C VAL A 112 6.97 -17.07 -41.47
N ALA A 113 6.70 -18.25 -40.93
CA ALA A 113 5.34 -18.61 -40.54
C ALA A 113 4.80 -17.72 -39.40
N LEU A 114 5.67 -17.40 -38.44
CA LEU A 114 5.25 -16.60 -37.28
C LEU A 114 5.05 -15.13 -37.64
N ASN A 115 5.97 -14.56 -38.41
CA ASN A 115 5.87 -13.17 -38.89
C ASN A 115 4.53 -12.82 -39.55
N GLN A 116 3.95 -13.78 -40.27
CA GLN A 116 2.65 -13.58 -40.92
C GLN A 116 1.54 -13.29 -39.92
N GLU A 117 1.67 -13.80 -38.71
CA GLU A 117 0.62 -13.67 -37.70
C GLU A 117 0.93 -12.69 -36.56
N VAL A 118 2.21 -12.41 -36.33
CA VAL A 118 2.59 -11.57 -35.18
C VAL A 118 3.33 -10.27 -35.55
N MET A 119 3.84 -10.19 -36.78
CA MET A 119 4.59 -9.01 -37.22
C MET A 119 3.90 -8.18 -38.31
N ALA A 120 3.26 -8.85 -39.25
CA ALA A 120 2.67 -8.17 -40.42
C ALA A 120 1.53 -7.21 -40.07
N PRO A 121 1.53 -6.00 -40.69
CA PRO A 121 0.47 -5.00 -40.46
C PRO A 121 -0.94 -5.56 -40.58
N GLU A 122 -1.16 -6.45 -41.53
CA GLU A 122 -2.48 -7.05 -41.76
C GLU A 122 -2.94 -7.91 -40.59
N ALA A 123 -1.99 -8.61 -39.95
CA ALA A 123 -2.28 -9.36 -38.73
C ALA A 123 -2.39 -8.45 -37.50
N THR A 124 -1.46 -7.51 -37.34
CA THR A 124 -1.35 -6.73 -36.10
C THR A 124 -2.53 -5.78 -35.84
N LYS A 125 -3.16 -5.30 -36.91
CA LYS A 125 -4.36 -4.45 -36.79
C LYS A 125 -5.44 -5.11 -35.94
N ASN A 126 -5.50 -6.44 -35.96
CA ASN A 126 -6.44 -7.20 -35.14
C ASN A 126 -6.11 -7.23 -33.64
N PHE A 127 -4.88 -6.86 -33.28
CA PHE A 127 -4.46 -6.86 -31.89
C PHE A 127 -5.07 -5.70 -31.10
N LEU A 128 -5.36 -4.60 -31.80
CA LEU A 128 -5.75 -3.34 -31.17
C LEU A 128 -6.88 -3.46 -30.13
N PRO A 129 -8.06 -3.98 -30.52
CA PRO A 129 -9.14 -4.06 -29.52
C PRO A 129 -8.89 -5.10 -28.42
N LEU A 130 -8.05 -6.10 -28.70
CA LEU A 130 -7.73 -7.11 -27.70
C LEU A 130 -6.81 -6.53 -26.63
N LEU A 131 -5.87 -5.69 -27.06
CA LEU A 131 -4.94 -5.05 -26.14
C LEU A 131 -5.59 -3.86 -25.44
N ASP A 132 -6.48 -3.17 -26.15
CA ASP A 132 -7.21 -2.04 -25.57
C ASP A 132 -8.15 -2.48 -24.43
N ALA A 133 -8.82 -3.62 -24.61
CA ALA A 133 -9.69 -4.19 -23.57
C ALA A 133 -8.93 -4.42 -22.26
N VAL A 134 -7.72 -4.97 -22.35
CA VAL A 134 -6.91 -5.24 -21.16
C VAL A 134 -6.47 -3.93 -20.49
N SER A 135 -5.98 -2.98 -21.29
CA SER A 135 -5.55 -1.68 -20.76
C SER A 135 -6.67 -0.88 -20.07
N ARG A 136 -7.87 -0.90 -20.65
CA ARG A 136 -9.05 -0.30 -20.03
C ARG A 136 -9.40 -0.93 -18.69
N ASP A 137 -9.24 -2.25 -18.57
CA ASP A 137 -9.42 -2.94 -17.29
C ASP A 137 -8.33 -2.58 -16.27
N PHE A 138 -7.10 -2.35 -16.73
CA PHE A 138 -6.04 -1.89 -15.83
C PHE A 138 -6.39 -0.53 -15.23
N VAL A 139 -6.87 0.39 -16.06
CA VAL A 139 -7.36 1.70 -15.62
C VAL A 139 -8.45 1.54 -14.53
N SER A 140 -9.38 0.63 -14.75
CA SER A 140 -10.47 0.37 -13.79
C SER A 140 -9.99 -0.17 -12.46
N VAL A 141 -8.97 -1.03 -12.49
CA VAL A 141 -8.31 -1.50 -11.27
C VAL A 141 -7.85 -0.30 -10.44
N LEU A 142 -7.13 0.61 -11.09
CA LEU A 142 -6.57 1.79 -10.43
C LEU A 142 -7.65 2.73 -9.86
N HIS A 143 -8.68 3.02 -10.65
CA HIS A 143 -9.82 3.85 -10.18
C HIS A 143 -10.47 3.25 -8.95
N ARG A 144 -10.61 1.93 -8.94
CA ARG A 144 -11.16 1.17 -7.83
C ARG A 144 -10.28 1.28 -6.58
N ARG A 145 -8.98 1.15 -6.77
CA ARG A 145 -8.04 1.30 -5.66
C ARG A 145 -8.01 2.73 -5.12
N ILE A 146 -8.24 3.71 -5.99
CA ILE A 146 -8.31 5.12 -5.59
C ILE A 146 -9.54 5.37 -4.72
N LYS A 147 -10.68 4.83 -5.15
CA LYS A 147 -11.94 4.94 -4.42
C LYS A 147 -11.80 4.35 -3.02
N LYS A 148 -11.25 3.13 -2.94
CA LYS A 148 -11.05 2.40 -1.69
C LYS A 148 -10.11 3.11 -0.70
N ALA A 149 -9.06 3.76 -1.21
CA ALA A 149 -8.13 4.49 -0.36
C ALA A 149 -8.81 5.67 0.35
N GLY A 150 -9.82 6.25 -0.30
CA GLY A 150 -10.62 7.34 0.28
C GLY A 150 -9.94 8.70 0.29
N SER A 151 -8.73 8.78 -0.25
CA SER A 151 -7.96 10.02 -0.23
C SER A 151 -7.93 10.75 -1.58
N GLY A 152 -8.71 10.27 -2.55
CA GLY A 152 -8.68 10.79 -3.94
C GLY A 152 -7.38 10.46 -4.66
N ASN A 153 -6.80 9.34 -4.28
CA ASN A 153 -5.38 9.14 -4.40
C ASN A 153 -5.07 7.63 -4.30
N TYR A 154 -4.09 7.14 -5.03
CA TYR A 154 -3.54 5.79 -4.75
C TYR A 154 -2.01 5.71 -4.86
N SER A 155 -1.38 5.25 -3.79
CA SER A 155 0.06 5.01 -3.75
C SER A 155 0.35 3.54 -3.55
N GLY A 156 1.29 3.02 -4.33
CA GLY A 156 1.69 1.63 -4.23
C GLY A 156 2.75 1.24 -5.24
N ASP A 157 3.44 0.15 -4.93
CA ASP A 157 4.27 -0.58 -5.86
C ASP A 157 3.31 -1.40 -6.74
N ILE A 158 3.28 -1.12 -8.03
CA ILE A 158 2.40 -1.87 -8.94
C ILE A 158 3.11 -2.89 -9.84
N SER A 159 4.31 -3.30 -9.47
CA SER A 159 5.09 -4.24 -10.30
C SER A 159 4.35 -5.56 -10.51
N ASP A 160 3.75 -6.10 -9.45
CA ASP A 160 2.98 -7.34 -9.52
C ASP A 160 1.77 -7.20 -10.44
N ASP A 161 1.10 -6.06 -10.34
CA ASP A 161 -0.02 -5.73 -11.23
C ASP A 161 0.43 -5.58 -12.68
N LEU A 162 1.65 -5.06 -12.90
CA LEU A 162 2.16 -4.92 -14.25
C LEU A 162 2.49 -6.27 -14.86
N PHE A 163 3.03 -7.20 -14.06
CA PHE A 163 3.22 -8.60 -14.52
C PHE A 163 1.89 -9.23 -14.93
N ARG A 164 0.86 -9.06 -14.10
CA ARG A 164 -0.48 -9.56 -14.42
C ARG A 164 -1.05 -8.93 -15.69
N PHE A 165 -0.86 -7.62 -15.85
CA PHE A 165 -1.30 -6.91 -17.05
C PHE A 165 -0.63 -7.48 -18.32
N ALA A 166 0.68 -7.67 -18.25
CA ALA A 166 1.45 -8.18 -19.38
C ALA A 166 0.98 -9.59 -19.75
N PHE A 167 0.68 -10.40 -18.74
CA PHE A 167 0.15 -11.75 -18.95
C PHE A 167 -1.26 -11.77 -19.58
N GLU A 168 -2.19 -10.98 -19.06
CA GLU A 168 -3.52 -10.79 -19.68
C GLU A 168 -3.41 -10.45 -21.16
N SER A 169 -2.50 -9.52 -21.47
CA SER A 169 -2.35 -8.99 -22.82
C SER A 169 -1.86 -10.05 -23.80
N ILE A 170 -0.75 -10.71 -23.47
CA ILE A 170 -0.18 -11.73 -24.33
C ILE A 170 -1.12 -12.92 -24.52
N THR A 171 -1.83 -13.32 -23.46
CA THR A 171 -2.79 -14.40 -23.54
C THR A 171 -4.02 -14.02 -24.36
N ASN A 172 -4.45 -12.75 -24.25
CA ASN A 172 -5.59 -12.29 -25.04
C ASN A 172 -5.31 -12.28 -26.55
N VAL A 173 -4.10 -11.87 -26.95
CA VAL A 173 -3.79 -11.86 -28.39
C VAL A 173 -3.50 -13.27 -28.94
N ILE A 174 -2.96 -14.14 -28.10
CA ILE A 174 -2.66 -15.50 -28.50
C ILE A 174 -3.93 -16.37 -28.54
N PHE A 175 -4.71 -16.34 -27.46
CA PHE A 175 -5.84 -17.24 -27.28
C PHE A 175 -7.20 -16.62 -27.57
N GLY A 176 -7.25 -15.30 -27.72
CA GLY A 176 -8.51 -14.58 -27.89
C GLY A 176 -9.45 -14.72 -26.71
N GLU A 177 -8.90 -15.00 -25.53
CA GLU A 177 -9.70 -15.21 -24.32
C GLU A 177 -9.06 -14.52 -23.12
N ARG A 178 -9.88 -13.88 -22.30
CA ARG A 178 -9.44 -13.25 -21.06
C ARG A 178 -9.19 -14.28 -19.96
N GLN A 179 -8.04 -14.17 -19.29
CA GLN A 179 -7.66 -15.08 -18.21
C GLN A 179 -8.14 -14.63 -16.83
N GLY A 180 -8.61 -13.38 -16.74
CA GLY A 180 -9.13 -12.83 -15.47
C GLY A 180 -8.09 -12.36 -14.46
N MET A 181 -6.86 -12.12 -14.91
CA MET A 181 -5.76 -11.73 -14.00
C MET A 181 -5.87 -10.29 -13.47
N LEU A 182 -6.81 -9.51 -13.98
CA LEU A 182 -7.03 -8.16 -13.44
C LEU A 182 -8.27 -8.06 -12.52
N GLU A 183 -8.98 -9.18 -12.31
CA GLU A 183 -10.09 -9.25 -11.36
C GLU A 183 -9.57 -9.26 -9.92
N GLU A 184 -10.45 -8.97 -8.95
CA GLU A 184 -10.04 -8.94 -7.54
C GLU A 184 -9.55 -10.29 -7.02
N VAL A 185 -10.20 -11.37 -7.47
CA VAL A 185 -9.79 -12.74 -7.11
C VAL A 185 -9.20 -13.42 -8.34
N VAL A 186 -7.96 -13.90 -8.19
CA VAL A 186 -7.13 -14.28 -9.33
C VAL A 186 -6.92 -15.80 -9.43
N ASN A 187 -6.75 -16.29 -10.65
CA ASN A 187 -6.36 -17.67 -10.90
C ASN A 187 -4.95 -17.97 -10.33
N PRO A 188 -4.87 -18.78 -9.25
CA PRO A 188 -3.57 -19.06 -8.62
C PRO A 188 -2.61 -19.84 -9.52
N GLU A 189 -3.15 -20.60 -10.46
CA GLU A 189 -2.32 -21.37 -11.39
C GLU A 189 -1.72 -20.51 -12.50
N ALA A 190 -2.45 -19.48 -12.91
CA ALA A 190 -1.89 -18.49 -13.82
C ALA A 190 -0.83 -17.65 -13.11
N GLN A 191 -1.06 -17.32 -11.84
CA GLN A 191 -0.05 -16.61 -11.04
C GLN A 191 1.25 -17.41 -10.88
N ARG A 192 1.11 -18.73 -10.76
CA ARG A 192 2.27 -19.63 -10.69
C ARG A 192 3.06 -19.63 -12.00
N PHE A 193 2.38 -19.48 -13.13
CA PHE A 193 3.05 -19.33 -14.43
C PHE A 193 3.85 -18.02 -14.48
N ILE A 194 3.24 -16.92 -14.04
CA ILE A 194 3.91 -15.62 -14.00
C ILE A 194 5.16 -15.66 -13.14
N ASP A 195 5.04 -16.21 -11.93
CA ASP A 195 6.18 -16.34 -11.01
C ASP A 195 7.32 -17.20 -11.56
N ALA A 196 6.98 -18.24 -12.31
CA ALA A 196 7.98 -19.15 -12.88
C ALA A 196 8.84 -18.47 -13.93
N ILE A 197 8.20 -17.62 -14.73
CA ILE A 197 8.89 -16.83 -15.75
C ILE A 197 9.98 -15.98 -15.10
N TYR A 198 9.61 -15.26 -14.05
CA TYR A 198 10.56 -14.44 -13.29
C TYR A 198 11.70 -15.30 -12.74
N GLN A 199 11.36 -16.48 -12.20
CA GLN A 199 12.35 -17.42 -11.64
C GLN A 199 13.29 -17.97 -12.70
N MET A 200 12.75 -18.35 -13.86
CA MET A 200 13.57 -18.83 -14.97
C MET A 200 14.69 -17.81 -15.30
N PHE A 201 14.33 -16.53 -15.44
CA PHE A 201 15.30 -15.46 -15.68
C PHE A 201 16.31 -15.26 -14.56
N HIS A 202 15.79 -15.10 -13.34
CA HIS A 202 16.62 -14.87 -12.14
C HIS A 202 17.62 -16.01 -11.92
N THR A 203 17.15 -17.26 -12.01
CA THR A 203 18.04 -18.42 -11.82
C THR A 203 19.02 -18.64 -12.97
N SER A 204 18.84 -17.95 -14.09
CA SER A 204 19.78 -18.08 -15.21
C SER A 204 21.15 -17.47 -14.90
N VAL A 205 21.14 -16.40 -14.09
CA VAL A 205 22.32 -15.56 -13.85
C VAL A 205 23.54 -16.31 -13.27
N PRO A 206 23.36 -17.07 -12.16
CA PRO A 206 24.56 -17.71 -11.61
C PRO A 206 25.20 -18.74 -12.52
N MET A 207 24.51 -19.15 -13.59
CA MET A 207 25.06 -20.16 -14.48
C MET A 207 25.70 -19.61 -15.75
N LEU A 208 25.51 -18.32 -16.00
CA LEU A 208 26.14 -17.68 -17.16
C LEU A 208 27.67 -17.70 -17.05
N ASN A 209 28.30 -17.76 -18.22
CA ASN A 209 29.76 -17.80 -18.36
C ASN A 209 30.39 -19.16 -18.00
N LEU A 210 29.53 -20.15 -17.75
CA LEU A 210 29.98 -21.49 -17.41
C LEU A 210 29.49 -22.52 -18.41
N PRO A 211 30.31 -23.54 -18.72
CA PRO A 211 29.81 -24.67 -19.52
C PRO A 211 28.84 -25.53 -18.69
N PRO A 212 27.93 -26.26 -19.36
CA PRO A 212 26.95 -27.08 -18.63
C PRO A 212 27.58 -28.07 -17.65
N ASP A 213 28.72 -28.65 -18.03
CA ASP A 213 29.53 -29.50 -17.13
C ASP A 213 29.81 -28.89 -15.76
N LEU A 214 29.92 -27.56 -15.70
CA LEU A 214 30.21 -26.91 -14.43
C LEU A 214 28.97 -26.46 -13.65
N PHE A 215 27.82 -26.34 -14.34
CA PHE A 215 26.52 -25.96 -13.74
C PHE A 215 26.21 -26.82 -12.57
N ARG A 216 25.99 -28.09 -12.91
CA ARG A 216 25.48 -29.08 -11.96
C ARG A 216 26.49 -29.37 -10.90
N LEU A 217 27.74 -29.03 -11.16
CA LEU A 217 28.82 -29.29 -10.22
C LEU A 217 28.97 -28.17 -9.19
N PHE A 218 28.87 -26.92 -9.63
CA PHE A 218 29.07 -25.77 -8.73
C PHE A 218 27.83 -24.88 -8.53
N ARG A 219 26.76 -25.15 -9.28
CA ARG A 219 25.53 -24.37 -9.19
C ARG A 219 24.34 -25.32 -9.15
N THR A 220 24.48 -26.39 -8.37
CA THR A 220 23.51 -27.49 -8.35
C THR A 220 22.13 -27.03 -7.89
N LYS A 221 22.09 -26.25 -6.81
CA LYS A 221 20.82 -25.70 -6.29
C LYS A 221 20.13 -24.79 -7.32
N THR A 222 20.90 -23.93 -7.96
CA THR A 222 20.36 -22.98 -8.93
C THR A 222 19.82 -23.71 -10.15
N TRP A 223 20.57 -24.69 -10.64
CA TRP A 223 20.17 -25.52 -11.76
C TRP A 223 18.85 -26.22 -11.49
N LYS A 224 18.74 -26.82 -10.30
CA LYS A 224 17.51 -27.48 -9.88
C LYS A 224 16.31 -26.52 -9.88
N ASP A 225 16.50 -25.31 -9.36
CA ASP A 225 15.45 -24.29 -9.32
C ASP A 225 15.07 -23.81 -10.72
N HIS A 226 16.07 -23.73 -11.58
CA HIS A 226 15.93 -23.32 -12.96
C HIS A 226 15.14 -24.35 -13.75
N VAL A 227 15.47 -25.62 -13.56
CA VAL A 227 14.76 -26.73 -14.19
C VAL A 227 13.29 -26.71 -13.76
N ALA A 228 13.03 -26.46 -12.47
CA ALA A 228 11.67 -26.43 -11.93
C ALA A 228 10.85 -25.29 -12.54
N ALA A 229 11.48 -24.16 -12.79
CA ALA A 229 10.80 -22.98 -13.38
C ALA A 229 10.41 -23.25 -14.84
N TRP A 230 11.34 -23.75 -15.63
CA TRP A 230 11.01 -24.17 -17.00
C TRP A 230 9.91 -25.24 -17.07
N ASP A 231 9.92 -26.21 -16.15
CA ASP A 231 8.87 -27.25 -16.08
C ASP A 231 7.46 -26.69 -15.89
N VAL A 232 7.33 -25.65 -15.06
CA VAL A 232 6.07 -24.93 -14.89
C VAL A 232 5.68 -24.23 -16.19
N ILE A 233 6.62 -23.48 -16.77
CA ILE A 233 6.40 -22.80 -18.04
C ILE A 233 5.84 -23.78 -19.10
N PHE A 234 6.53 -24.90 -19.29
CA PHE A 234 6.13 -25.90 -20.28
C PHE A 234 4.83 -26.62 -19.96
N SER A 235 4.64 -27.00 -18.69
CA SER A 235 3.39 -27.66 -18.28
C SER A 235 2.18 -26.84 -18.66
N LYS A 236 2.17 -25.58 -18.23
CA LYS A 236 1.00 -24.73 -18.36
C LYS A 236 0.76 -24.26 -19.79
N ALA A 237 1.84 -23.91 -20.49
CA ALA A 237 1.72 -23.53 -21.91
C ALA A 237 1.13 -24.69 -22.71
N ASP A 238 1.63 -25.90 -22.46
CA ASP A 238 1.14 -27.10 -23.14
C ASP A 238 -0.33 -27.39 -22.81
N ILE A 239 -0.74 -27.24 -21.55
CA ILE A 239 -2.15 -27.37 -21.18
C ILE A 239 -3.05 -26.34 -21.90
N TYR A 240 -2.59 -25.10 -21.97
CA TYR A 240 -3.32 -24.05 -22.67
C TYR A 240 -3.49 -24.38 -24.14
N THR A 241 -2.41 -24.80 -24.79
CA THR A 241 -2.44 -25.17 -26.21
C THR A 241 -3.33 -26.39 -26.46
N GLN A 242 -3.20 -27.40 -25.61
CA GLN A 242 -3.99 -28.64 -25.71
C GLN A 242 -5.50 -28.37 -25.56
N ASN A 243 -5.88 -27.68 -24.49
CA ASN A 243 -7.27 -27.26 -24.28
C ASN A 243 -7.84 -26.47 -25.47
N PHE A 244 -7.06 -25.52 -25.98
CA PHE A 244 -7.51 -24.68 -27.08
C PHE A 244 -7.78 -25.52 -28.33
N TYR A 245 -6.86 -26.43 -28.61
CA TYR A 245 -6.94 -27.33 -29.76
C TYR A 245 -8.23 -28.16 -29.73
N TRP A 246 -8.55 -28.73 -28.56
CA TRP A 246 -9.73 -29.57 -28.41
C TRP A 246 -11.05 -28.80 -28.38
N GLU A 247 -11.07 -27.67 -27.68
CA GLU A 247 -12.26 -26.79 -27.61
C GLU A 247 -12.65 -26.24 -29.00
N LEU A 248 -11.63 -26.01 -29.84
CA LEU A 248 -11.82 -25.63 -31.23
C LEU A 248 -12.60 -26.68 -32.01
N ARG A 249 -12.33 -27.96 -31.74
CA ARG A 249 -13.04 -29.07 -32.38
C ARG A 249 -14.42 -29.31 -31.76
N GLN A 250 -14.57 -28.97 -30.49
CA GLN A 250 -15.86 -29.08 -29.79
C GLN A 250 -16.86 -28.05 -30.31
N LYS A 251 -16.37 -26.85 -30.63
CA LYS A 251 -17.21 -25.75 -31.12
C LYS A 251 -17.22 -25.65 -32.65
N GLY A 252 -16.34 -26.43 -33.28
CA GLY A 252 -16.26 -26.58 -34.75
C GLY A 252 -17.07 -25.62 -35.59
N SER A 253 -16.66 -24.35 -35.56
CA SER A 253 -17.34 -23.28 -36.29
C SER A 253 -16.32 -22.36 -36.95
N VAL A 254 -16.47 -22.15 -38.25
CA VAL A 254 -15.68 -21.14 -38.96
C VAL A 254 -16.09 -19.78 -38.39
N HIS A 255 -15.11 -18.94 -38.08
CA HIS A 255 -15.38 -17.61 -37.55
C HIS A 255 -14.99 -16.53 -38.53
N HIS A 256 -15.80 -15.48 -38.59
CA HIS A 256 -15.48 -14.30 -39.38
C HIS A 256 -14.76 -13.26 -38.51
N ASP A 257 -15.13 -13.21 -37.23
CA ASP A 257 -14.43 -12.36 -36.27
C ASP A 257 -13.06 -12.95 -35.96
N TYR A 258 -12.10 -12.08 -35.67
CA TYR A 258 -10.74 -12.49 -35.27
C TYR A 258 -10.75 -13.22 -33.93
N ARG A 259 -10.07 -14.37 -33.88
CA ARG A 259 -10.08 -15.22 -32.71
C ARG A 259 -8.71 -15.31 -32.00
N GLY A 260 -7.68 -14.69 -32.58
CA GLY A 260 -6.34 -14.70 -32.00
C GLY A 260 -5.27 -15.36 -32.86
N ILE A 261 -4.01 -15.23 -32.43
CA ILE A 261 -2.87 -15.81 -33.14
C ILE A 261 -2.91 -17.35 -33.26
N LEU A 262 -3.21 -18.04 -32.16
CA LEU A 262 -3.22 -19.51 -32.15
C LEU A 262 -4.24 -20.09 -33.14
N TYR A 263 -5.44 -19.51 -33.14
CA TYR A 263 -6.49 -19.86 -34.12
C TYR A 263 -5.96 -19.72 -35.56
N ARG A 264 -5.26 -18.63 -35.84
CA ARG A 264 -4.71 -18.40 -37.18
C ARG A 264 -3.67 -19.46 -37.56
N LEU A 265 -2.76 -19.77 -36.63
CA LEU A 265 -1.70 -20.73 -36.89
C LEU A 265 -2.22 -22.17 -36.99
N LEU A 266 -3.18 -22.54 -36.14
CA LEU A 266 -3.79 -23.87 -36.21
C LEU A 266 -4.68 -24.00 -37.44
N GLY A 267 -5.35 -22.93 -37.81
CA GLY A 267 -6.27 -22.91 -38.94
C GLY A 267 -5.61 -22.95 -40.29
N ASP A 268 -4.55 -22.18 -40.47
CA ASP A 268 -3.90 -22.05 -41.78
C ASP A 268 -2.45 -21.55 -41.69
N SER A 269 -1.52 -22.48 -41.47
CA SER A 269 -0.09 -22.17 -41.58
C SER A 269 0.69 -23.42 -41.97
N LYS A 270 1.94 -23.25 -42.39
CA LYS A 270 2.80 -24.38 -42.80
C LYS A 270 3.44 -25.10 -41.60
N MET A 271 3.23 -24.55 -40.41
CA MET A 271 3.79 -25.11 -39.17
C MET A 271 3.06 -26.37 -38.70
N SER A 272 3.83 -27.36 -38.29
CA SER A 272 3.28 -28.51 -37.59
C SER A 272 2.76 -28.07 -36.22
N PHE A 273 1.85 -28.86 -35.66
CA PHE A 273 1.32 -28.59 -34.33
C PHE A 273 2.42 -28.50 -33.28
N GLU A 274 3.44 -29.35 -33.40
CA GLU A 274 4.53 -29.36 -32.44
C GLU A 274 5.41 -28.11 -32.49
N ASP A 275 5.66 -27.57 -33.68
CA ASP A 275 6.33 -26.29 -33.84
C ASP A 275 5.47 -25.15 -33.27
N ILE A 276 4.18 -25.22 -33.53
CA ILE A 276 3.24 -24.22 -33.05
C ILE A 276 3.25 -24.17 -31.52
N LYS A 277 3.12 -25.34 -30.88
CA LYS A 277 3.12 -25.46 -29.43
C LYS A 277 4.43 -24.97 -28.80
N ALA A 278 5.56 -25.33 -29.41
CA ALA A 278 6.87 -24.87 -28.97
C ALA A 278 6.95 -23.34 -28.99
N ASN A 279 6.47 -22.73 -30.07
CA ASN A 279 6.50 -21.28 -30.24
C ASN A 279 5.51 -20.51 -29.37
N VAL A 280 4.33 -21.09 -29.15
CA VAL A 280 3.38 -20.55 -28.19
C VAL A 280 4.03 -20.43 -26.82
N THR A 281 4.75 -21.47 -26.39
CA THR A 281 5.45 -21.46 -25.12
C THR A 281 6.42 -20.27 -25.01
N GLU A 282 7.21 -20.05 -26.06
CA GLU A 282 8.18 -18.95 -26.09
C GLU A 282 7.52 -17.57 -26.19
N MET A 283 6.40 -17.49 -26.89
CA MET A 283 5.69 -16.20 -26.99
C MET A 283 5.10 -15.79 -25.64
N LEU A 284 4.53 -16.77 -24.93
CA LEU A 284 3.95 -16.53 -23.61
C LEU A 284 4.98 -16.12 -22.59
N ALA A 285 6.14 -16.78 -22.62
CA ALA A 285 7.20 -16.48 -21.67
C ALA A 285 7.87 -15.16 -22.00
N GLY A 286 8.01 -14.86 -23.30
CA GLY A 286 8.55 -13.58 -23.72
C GLY A 286 7.62 -12.42 -23.39
N GLY A 287 6.34 -12.72 -23.23
CA GLY A 287 5.33 -11.68 -23.07
C GLY A 287 5.18 -11.04 -21.70
N VAL A 288 5.85 -11.58 -20.68
CA VAL A 288 5.51 -11.22 -19.30
C VAL A 288 6.44 -10.18 -18.64
N ASP A 289 7.74 -10.46 -18.58
CA ASP A 289 8.65 -9.60 -17.79
C ASP A 289 9.18 -8.36 -18.54
N THR A 290 9.08 -8.35 -19.85
CA THR A 290 9.76 -7.32 -20.63
C THR A 290 8.94 -6.04 -20.76
N THR A 291 7.71 -6.17 -21.25
CA THR A 291 6.83 -5.03 -21.41
C THR A 291 6.44 -4.43 -20.05
N SER A 292 6.26 -5.28 -19.05
CA SER A 292 5.95 -4.84 -17.69
C SER A 292 7.09 -4.03 -17.03
N MET A 293 8.34 -4.45 -17.22
CA MET A 293 9.47 -3.68 -16.69
C MET A 293 9.67 -2.37 -17.45
N THR A 294 9.45 -2.41 -18.77
CA THR A 294 9.62 -1.24 -19.61
C THR A 294 8.57 -0.16 -19.29
N LEU A 295 7.32 -0.58 -19.12
CA LEU A 295 6.25 0.32 -18.70
C LEU A 295 6.52 0.95 -17.33
N GLN A 296 7.03 0.14 -16.41
CA GLN A 296 7.38 0.65 -15.08
C GLN A 296 8.44 1.74 -15.17
N TRP A 297 9.46 1.53 -16.00
CA TRP A 297 10.49 2.56 -16.23
C TRP A 297 9.90 3.83 -16.86
N HIS A 298 8.98 3.65 -17.79
CA HIS A 298 8.35 4.77 -18.47
C HIS A 298 7.58 5.66 -17.48
N LEU A 299 6.76 5.04 -16.65
CA LEU A 299 6.04 5.77 -15.60
C LEU A 299 7.00 6.48 -14.67
N TYR A 300 8.11 5.81 -14.33
CA TYR A 300 9.16 6.37 -13.49
C TYR A 300 9.75 7.63 -14.13
N GLU A 301 10.12 7.55 -15.41
CA GLU A 301 10.63 8.72 -16.13
C GLU A 301 9.59 9.84 -16.31
N MET A 302 8.31 9.49 -16.37
CA MET A 302 7.25 10.51 -16.44
C MET A 302 7.07 11.22 -15.10
N ALA A 303 7.22 10.47 -14.00
CA ALA A 303 7.16 11.04 -12.67
C ALA A 303 8.38 11.90 -12.37
N ARG A 304 9.50 11.53 -12.98
CA ARG A 304 10.77 12.23 -12.82
C ARG A 304 10.85 13.50 -13.66
N ASN A 305 10.03 13.57 -14.71
CA ASN A 305 10.08 14.63 -15.71
C ASN A 305 8.66 15.12 -16.01
N LEU A 306 8.10 15.90 -15.08
CA LEU A 306 6.69 16.30 -15.14
C LEU A 306 6.30 17.15 -16.37
N LYS A 307 7.25 17.92 -16.90
CA LYS A 307 7.05 18.67 -18.14
C LYS A 307 6.85 17.74 -19.34
N VAL A 308 7.65 16.68 -19.39
CA VAL A 308 7.51 15.67 -20.44
C VAL A 308 6.17 14.93 -20.29
N GLN A 309 5.80 14.59 -19.06
CA GLN A 309 4.51 13.96 -18.80
C GLN A 309 3.35 14.82 -19.34
N ASP A 310 3.37 16.12 -19.02
CA ASP A 310 2.40 17.10 -19.54
C ASP A 310 2.31 17.13 -21.07
N MET A 311 3.48 17.18 -21.73
CA MET A 311 3.54 17.19 -23.20
C MET A 311 2.89 15.94 -23.76
N LEU A 312 3.17 14.79 -23.13
CA LEU A 312 2.65 13.53 -23.61
C LEU A 312 1.14 13.44 -23.42
N ARG A 313 0.64 13.92 -22.28
CA ARG A 313 -0.80 13.95 -22.04
C ARG A 313 -1.52 14.79 -23.09
N ALA A 314 -0.99 15.98 -23.39
CA ALA A 314 -1.59 16.91 -24.34
C ALA A 314 -1.66 16.32 -25.75
N GLU A 315 -0.58 15.65 -26.17
CA GLU A 315 -0.58 14.96 -27.46
C GLU A 315 -1.62 13.85 -27.53
N VAL A 316 -1.77 13.10 -26.45
CA VAL A 316 -2.73 11.99 -26.40
C VAL A 316 -4.16 12.50 -26.45
N LEU A 317 -4.46 13.58 -25.70
CA LEU A 317 -5.78 14.21 -25.72
C LEU A 317 -6.14 14.79 -27.09
N ALA A 318 -5.16 15.43 -27.75
CA ALA A 318 -5.37 15.95 -29.10
C ALA A 318 -5.64 14.78 -30.05
N ALA A 319 -4.89 13.68 -29.88
CA ALA A 319 -5.01 12.56 -30.80
C ALA A 319 -6.35 11.83 -30.66
N ARG A 320 -6.84 11.69 -29.44
CA ARG A 320 -8.15 11.06 -29.20
C ARG A 320 -9.27 11.88 -29.86
N HIS A 321 -9.21 13.20 -29.70
CA HIS A 321 -10.16 14.12 -30.33
C HIS A 321 -10.08 14.07 -31.87
N GLN A 322 -8.88 14.26 -32.40
CA GLN A 322 -8.62 14.23 -33.84
C GLN A 322 -9.10 12.93 -34.51
N ALA A 323 -8.94 11.81 -33.80
CA ALA A 323 -9.29 10.48 -34.32
C ALA A 323 -10.76 10.17 -34.08
N GLN A 324 -11.45 11.08 -33.39
CA GLN A 324 -12.83 10.88 -32.94
C GLN A 324 -12.99 9.55 -32.19
N GLY A 325 -12.00 9.21 -31.37
CA GLY A 325 -12.05 8.04 -30.50
C GLY A 325 -11.51 6.72 -31.05
N ASP A 326 -11.24 6.65 -32.36
CA ASP A 326 -10.78 5.41 -33.00
C ASP A 326 -9.30 5.10 -32.67
N MET A 327 -9.04 3.94 -32.05
CA MET A 327 -7.68 3.57 -31.63
C MET A 327 -6.71 3.44 -32.80
N ALA A 328 -7.13 2.78 -33.87
CA ALA A 328 -6.29 2.62 -35.08
C ALA A 328 -5.77 3.95 -35.61
N THR A 329 -6.66 4.94 -35.68
CA THR A 329 -6.32 6.28 -36.15
C THR A 329 -5.42 7.02 -35.15
N MET A 330 -5.73 6.89 -33.87
CA MET A 330 -4.96 7.48 -32.77
C MET A 330 -3.49 7.11 -32.82
N LEU A 331 -3.22 5.84 -33.11
CA LEU A 331 -1.87 5.29 -33.06
C LEU A 331 -0.95 5.87 -34.13
N GLN A 332 -1.54 6.57 -35.09
CA GLN A 332 -0.76 7.30 -36.09
C GLN A 332 -0.66 8.80 -35.76
N LEU A 333 -1.23 9.21 -34.63
CA LEU A 333 -1.25 10.61 -34.24
C LEU A 333 -0.52 10.90 -32.92
N VAL A 334 0.27 9.94 -32.45
CA VAL A 334 1.04 10.09 -31.21
C VAL A 334 2.57 9.92 -31.38
N PRO A 335 3.20 10.68 -32.31
CA PRO A 335 4.63 10.48 -32.56
C PRO A 335 5.53 10.72 -31.34
N LEU A 336 5.20 11.69 -30.50
CA LEU A 336 5.99 11.95 -29.30
C LEU A 336 5.94 10.82 -28.28
N LEU A 337 4.79 10.14 -28.18
CA LEU A 337 4.62 9.02 -27.26
C LEU A 337 5.44 7.82 -27.69
N LYS A 338 5.38 7.51 -28.97
CA LYS A 338 6.20 6.45 -29.55
C LYS A 338 7.68 6.75 -29.39
N ALA A 339 8.05 8.03 -29.49
CA ALA A 339 9.43 8.46 -29.27
C ALA A 339 9.84 8.26 -27.82
N SER A 340 8.91 8.47 -26.90
CA SER A 340 9.20 8.36 -25.48
C SER A 340 9.43 6.89 -25.10
N ILE A 341 8.85 5.98 -25.87
CA ILE A 341 9.09 4.55 -25.73
C ILE A 341 10.51 4.18 -26.19
N LYS A 342 10.93 4.71 -27.34
CA LYS A 342 12.33 4.60 -27.79
C LYS A 342 13.28 5.16 -26.74
N GLU A 343 12.92 6.32 -26.19
CA GLU A 343 13.71 6.97 -25.15
C GLU A 343 13.79 6.14 -23.85
N THR A 344 12.70 5.45 -23.50
CA THR A 344 12.68 4.61 -22.29
C THR A 344 13.64 3.43 -22.47
N LEU A 345 13.56 2.77 -23.62
CA LEU A 345 14.45 1.69 -23.95
C LEU A 345 15.92 2.12 -24.12
N ARG A 346 16.17 3.36 -24.52
CA ARG A 346 17.55 3.86 -24.59
C ARG A 346 18.21 3.84 -23.20
N LEU A 347 17.53 4.46 -22.23
CA LEU A 347 18.02 4.54 -20.87
C LEU A 347 17.89 3.24 -20.11
N HIS A 348 16.81 2.50 -20.36
CA HIS A 348 16.54 1.28 -19.63
C HIS A 348 16.29 0.10 -20.58
N PRO A 349 17.34 -0.36 -21.26
CA PRO A 349 17.17 -1.49 -22.16
C PRO A 349 16.79 -2.75 -21.39
N ILE A 350 16.01 -3.61 -22.02
CA ILE A 350 15.75 -4.94 -21.50
C ILE A 350 17.01 -5.81 -21.68
N SER A 351 17.64 -5.68 -22.84
CA SER A 351 18.78 -6.51 -23.27
C SER A 351 20.12 -5.74 -23.13
N VAL A 352 21.05 -6.22 -22.29
CA VAL A 352 22.33 -5.52 -22.12
C VAL A 352 23.09 -5.36 -23.41
N THR A 353 23.03 -6.39 -24.26
CA THR A 353 23.76 -6.41 -25.51
C THR A 353 22.88 -6.99 -26.60
N LEU A 354 23.26 -6.71 -27.84
CA LEU A 354 22.88 -7.50 -28.98
C LEU A 354 24.13 -8.28 -29.37
N GLN A 355 23.97 -9.46 -29.98
CA GLN A 355 25.12 -10.26 -30.36
C GLN A 355 24.88 -10.90 -31.73
N ARG A 356 25.96 -11.03 -32.51
CA ARG A 356 25.95 -11.79 -33.75
C ARG A 356 27.26 -12.58 -33.89
N TYR A 357 27.17 -13.83 -34.33
CA TYR A 357 28.35 -14.56 -34.76
C TYR A 357 28.65 -14.18 -36.21
N LEU A 358 29.88 -13.77 -36.49
CA LEU A 358 30.26 -13.37 -37.86
C LEU A 358 30.22 -14.54 -38.82
N VAL A 359 29.68 -14.30 -40.01
CA VAL A 359 29.66 -15.30 -41.09
C VAL A 359 30.95 -15.21 -41.90
N ASN A 360 31.44 -13.98 -42.10
CA ASN A 360 32.71 -13.69 -42.77
C ASN A 360 33.63 -12.80 -41.95
N ASP A 361 34.93 -12.86 -42.25
CA ASP A 361 35.92 -11.93 -41.70
C ASP A 361 35.40 -10.50 -41.84
N LEU A 362 35.75 -9.65 -40.88
CA LEU A 362 35.22 -8.28 -40.86
C LEU A 362 36.20 -7.33 -40.19
N VAL A 363 36.36 -6.15 -40.78
CA VAL A 363 37.23 -5.14 -40.21
C VAL A 363 36.41 -4.14 -39.43
N LEU A 364 36.76 -3.94 -38.16
CA LEU A 364 36.16 -2.91 -37.33
C LEU A 364 37.27 -2.15 -36.64
N ARG A 365 37.27 -0.83 -36.83
CA ARG A 365 38.28 0.07 -36.27
C ARG A 365 39.70 -0.39 -36.59
N ASP A 366 39.92 -0.77 -37.84
CA ASP A 366 41.24 -1.22 -38.33
C ASP A 366 41.74 -2.50 -37.63
N TYR A 367 40.82 -3.29 -37.07
CA TYR A 367 41.14 -4.61 -36.54
C TYR A 367 40.42 -5.68 -37.36
N MET A 368 41.13 -6.76 -37.66
CA MET A 368 40.56 -7.87 -38.41
C MET A 368 39.85 -8.82 -37.44
N ILE A 369 38.54 -8.99 -37.62
CA ILE A 369 37.79 -9.92 -36.79
C ILE A 369 37.39 -11.15 -37.60
N PRO A 370 37.98 -12.31 -37.28
CA PRO A 370 37.75 -13.52 -38.07
C PRO A 370 36.33 -14.04 -38.01
N ALA A 371 35.92 -14.75 -39.06
CA ALA A 371 34.62 -15.38 -39.12
C ALA A 371 34.43 -16.34 -37.94
N LYS A 372 33.18 -16.47 -37.50
CA LYS A 372 32.81 -17.27 -36.32
C LYS A 372 33.07 -16.58 -34.96
N THR A 373 33.65 -15.39 -34.98
CA THR A 373 33.77 -14.59 -33.75
C THR A 373 32.39 -14.10 -33.31
N LEU A 374 32.15 -14.12 -31.99
CA LEU A 374 30.98 -13.50 -31.43
C LEU A 374 31.24 -12.02 -31.22
N VAL A 375 30.39 -11.18 -31.80
CA VAL A 375 30.50 -9.72 -31.62
C VAL A 375 29.28 -9.24 -30.85
N GLN A 376 29.50 -8.46 -29.79
CA GLN A 376 28.43 -7.92 -28.96
C GLN A 376 28.38 -6.40 -29.02
N VAL A 377 27.19 -5.86 -29.26
CA VAL A 377 26.98 -4.42 -29.16
C VAL A 377 26.47 -4.11 -27.76
N ALA A 378 27.22 -3.31 -27.00
CA ALA A 378 26.82 -2.91 -25.66
C ALA A 378 25.72 -1.84 -25.64
N ILE A 379 24.47 -2.30 -25.71
CA ILE A 379 23.27 -1.45 -25.77
C ILE A 379 23.15 -0.50 -24.58
N TYR A 380 23.32 -1.05 -23.38
CA TYR A 380 23.25 -0.27 -22.15
C TYR A 380 24.32 0.83 -22.10
N ALA A 381 25.57 0.46 -22.36
CA ALA A 381 26.68 1.42 -22.36
C ALA A 381 26.49 2.48 -23.44
N LEU A 382 26.06 2.07 -24.63
CA LEU A 382 25.76 3.02 -25.70
C LEU A 382 24.76 4.09 -25.24
N GLY A 383 23.70 3.67 -24.57
CA GLY A 383 22.63 4.57 -24.15
C GLY A 383 23.03 5.59 -23.12
N ARG A 384 24.07 5.28 -22.34
CA ARG A 384 24.57 6.23 -21.34
C ARG A 384 25.78 7.04 -21.82
N GLU A 385 26.24 6.77 -23.05
CA GLU A 385 27.49 7.35 -23.57
C GLU A 385 27.29 8.78 -24.12
N PRO A 386 27.94 9.79 -23.49
CA PRO A 386 27.72 11.19 -23.89
C PRO A 386 28.23 11.57 -25.28
N THR A 387 29.06 10.75 -25.90
CA THR A 387 29.53 11.03 -27.26
C THR A 387 28.53 10.58 -28.32
N PHE A 388 27.60 9.71 -27.96
CA PHE A 388 26.63 9.21 -28.93
C PHE A 388 25.21 9.73 -28.70
N PHE A 389 24.97 10.29 -27.52
CA PHE A 389 23.72 10.96 -27.20
C PHE A 389 23.98 12.24 -26.43
N PHE A 390 23.43 13.34 -26.91
CA PHE A 390 23.47 14.61 -26.20
C PHE A 390 22.74 14.52 -24.85
N ASP A 391 23.42 14.93 -23.79
CA ASP A 391 22.92 14.81 -22.41
C ASP A 391 22.18 13.47 -22.15
N PRO A 392 22.93 12.36 -22.13
CA PRO A 392 22.35 11.01 -22.06
C PRO A 392 21.45 10.73 -20.83
N GLU A 393 21.71 11.37 -19.70
CA GLU A 393 20.89 11.18 -18.49
C GLU A 393 19.51 11.86 -18.56
N ASN A 394 19.34 12.79 -19.51
CA ASN A 394 18.06 13.48 -19.68
C ASN A 394 17.08 12.60 -20.46
N PHE A 395 15.88 12.45 -19.90
CA PHE A 395 14.79 11.78 -20.60
C PHE A 395 14.17 12.80 -21.54
N ASP A 396 14.53 12.71 -22.83
CA ASP A 396 14.08 13.64 -23.87
C ASP A 396 13.59 12.90 -25.12
N PRO A 397 12.26 12.68 -25.23
CA PRO A 397 11.64 12.03 -26.39
C PRO A 397 11.84 12.76 -27.72
N THR A 398 11.90 14.09 -27.72
CA THR A 398 12.07 14.86 -28.96
C THR A 398 13.37 14.52 -29.70
N ARG A 399 14.36 14.05 -28.94
CA ARG A 399 15.60 13.52 -29.46
C ARG A 399 15.39 12.60 -30.68
N TRP A 400 14.31 11.83 -30.66
CA TRP A 400 13.99 10.87 -31.72
C TRP A 400 13.17 11.47 -32.89
N LEU A 401 12.81 12.74 -32.75
CA LEU A 401 12.04 13.46 -33.76
C LEU A 401 12.92 14.43 -34.56
N SER A 402 14.18 14.54 -34.16
CA SER A 402 15.16 15.42 -34.79
C SER A 402 15.22 15.18 -36.30
N LYS A 403 15.18 16.28 -37.07
CA LYS A 403 15.31 16.18 -38.54
C LYS A 403 16.77 15.94 -38.93
N ASP A 404 17.68 16.18 -37.99
CA ASP A 404 19.07 15.77 -38.11
C ASP A 404 19.13 14.23 -38.08
N LYS A 405 18.94 13.63 -39.25
CA LYS A 405 18.97 12.17 -39.38
C LYS A 405 20.42 11.65 -39.39
N ASN A 406 21.08 11.86 -38.26
CA ASN A 406 22.43 11.39 -37.99
C ASN A 406 22.45 11.10 -36.49
N ILE A 407 21.74 11.96 -35.75
CA ILE A 407 21.50 11.85 -34.32
C ILE A 407 20.80 10.53 -33.91
N THR A 408 20.05 9.92 -34.83
CA THR A 408 19.31 8.69 -34.55
C THR A 408 19.89 7.45 -35.28
N TYR A 409 20.93 7.66 -36.07
CA TYR A 409 21.56 6.58 -36.86
C TYR A 409 22.02 5.41 -35.98
N PHE A 410 21.46 4.23 -36.26
CA PHE A 410 21.69 2.99 -35.47
C PHE A 410 21.68 3.20 -33.95
N ARG A 411 20.67 3.93 -33.47
CA ARG A 411 20.50 4.24 -32.06
C ARG A 411 19.33 3.49 -31.44
N ASN A 412 18.36 3.09 -32.27
CA ASN A 412 17.12 2.47 -31.79
C ASN A 412 17.24 0.95 -31.76
N LEU A 413 17.97 0.43 -30.78
CA LEU A 413 18.40 -0.95 -30.83
C LEU A 413 17.76 -1.88 -29.78
N GLY A 414 16.86 -1.33 -28.97
CA GLY A 414 16.18 -2.07 -27.91
C GLY A 414 15.53 -3.39 -28.32
N PHE A 415 15.01 -3.46 -29.56
CA PHE A 415 14.38 -4.68 -30.06
C PHE A 415 15.27 -5.42 -31.06
N GLY A 416 16.55 -5.06 -31.11
CA GLY A 416 17.47 -5.64 -32.07
C GLY A 416 17.26 -5.09 -33.47
N TRP A 417 17.70 -5.85 -34.47
CA TRP A 417 17.74 -5.37 -35.86
C TRP A 417 17.57 -6.53 -36.84
N GLY A 418 17.00 -6.22 -38.00
CA GLY A 418 16.99 -7.15 -39.14
C GLY A 418 15.99 -8.28 -39.01
N VAL A 419 16.25 -9.38 -39.72
CA VAL A 419 15.31 -10.51 -39.83
C VAL A 419 15.13 -11.27 -38.52
N ARG A 420 16.12 -11.20 -37.63
CA ARG A 420 16.05 -11.91 -36.36
C ARG A 420 15.88 -10.97 -35.15
N GLN A 421 15.40 -9.75 -35.40
CA GLN A 421 15.02 -8.81 -34.34
C GLN A 421 13.92 -9.43 -33.46
N CYS A 422 13.56 -8.75 -32.37
CA CYS A 422 12.47 -9.23 -31.48
C CYS A 422 11.25 -9.68 -32.28
N LEU A 423 10.81 -10.92 -32.04
CA LEU A 423 9.59 -11.44 -32.68
C LEU A 423 8.33 -10.74 -32.13
N GLY A 424 8.36 -10.39 -30.84
CA GLY A 424 7.21 -9.76 -30.20
C GLY A 424 7.20 -8.24 -30.31
N ARG A 425 7.98 -7.71 -31.24
CA ARG A 425 8.19 -6.27 -31.31
C ARG A 425 6.88 -5.48 -31.50
N ARG A 426 6.07 -5.90 -32.46
CA ARG A 426 4.81 -5.19 -32.73
C ARG A 426 3.84 -5.35 -31.57
N ILE A 427 3.78 -6.56 -31.00
CA ILE A 427 2.91 -6.82 -29.87
C ILE A 427 3.30 -5.91 -28.70
N ALA A 428 4.61 -5.86 -28.42
CA ALA A 428 5.14 -5.07 -27.32
C ALA A 428 4.92 -3.57 -27.53
N GLU A 429 5.22 -3.07 -28.74
CA GLU A 429 5.06 -1.64 -29.04
C GLU A 429 3.60 -1.22 -28.91
N LEU A 430 2.70 -2.04 -29.47
CA LEU A 430 1.28 -1.75 -29.44
C LEU A 430 0.71 -1.84 -28.03
N GLU A 431 1.15 -2.84 -27.26
CA GLU A 431 0.70 -3.04 -25.89
C GLU A 431 1.12 -1.86 -25.03
N MET A 432 2.37 -1.42 -25.21
CA MET A 432 2.87 -0.30 -24.43
C MET A 432 2.29 1.04 -24.85
N THR A 433 2.12 1.28 -26.15
CA THR A 433 1.52 2.54 -26.60
C THR A 433 0.05 2.65 -26.16
N ILE A 434 -0.72 1.58 -26.36
CA ILE A 434 -2.11 1.51 -25.92
C ILE A 434 -2.24 1.65 -24.40
N PHE A 435 -1.35 1.01 -23.65
CA PHE A 435 -1.34 1.13 -22.19
C PHE A 435 -1.17 2.58 -21.77
N LEU A 436 -0.19 3.24 -22.36
CA LEU A 436 0.17 4.63 -21.97
C LEU A 436 -0.87 5.68 -22.37
N ILE A 437 -1.52 5.47 -23.50
CA ILE A 437 -2.68 6.28 -23.90
C ILE A 437 -3.76 6.25 -22.81
N ASN A 438 -4.14 5.05 -22.38
CA ASN A 438 -5.20 4.90 -21.37
C ASN A 438 -4.79 5.48 -20.03
N MET A 439 -3.52 5.27 -19.66
CA MET A 439 -2.98 5.80 -18.42
C MET A 439 -2.91 7.33 -18.42
N LEU A 440 -2.40 7.91 -19.51
CA LEU A 440 -2.25 9.36 -19.62
C LEU A 440 -3.60 10.07 -19.65
N GLU A 441 -4.61 9.44 -20.24
CA GLU A 441 -5.96 10.01 -20.25
C GLU A 441 -6.62 10.01 -18.87
N ASN A 442 -6.21 9.08 -18.00
CA ASN A 442 -6.93 8.86 -16.74
C ASN A 442 -6.25 9.31 -15.47
N PHE A 443 -4.91 9.40 -15.47
CA PHE A 443 -4.16 9.67 -14.25
C PHE A 443 -2.97 10.60 -14.45
N ARG A 444 -2.63 11.32 -13.40
CA ARG A 444 -1.32 11.97 -13.28
C ARG A 444 -0.46 11.07 -12.38
N VAL A 445 0.80 10.87 -12.77
CA VAL A 445 1.69 9.99 -12.04
C VAL A 445 2.82 10.75 -11.36
N GLU A 446 3.04 10.45 -10.08
CA GLU A 446 4.10 11.04 -9.28
C GLU A 446 4.83 9.99 -8.44
N ILE A 447 6.05 10.31 -8.02
CA ILE A 447 6.74 9.54 -7.00
C ILE A 447 7.08 10.46 -5.83
N GLN A 448 6.54 10.13 -4.67
CA GLN A 448 6.87 10.83 -3.43
C GLN A 448 8.25 10.38 -2.95
N HIS A 449 9.03 11.31 -2.43
CA HIS A 449 10.41 11.03 -2.02
C HIS A 449 11.20 10.38 -3.16
N LEU A 450 11.13 11.04 -4.31
CA LEU A 450 11.82 10.61 -5.53
C LEU A 450 13.32 10.46 -5.27
N SER A 451 13.87 9.33 -5.71
CA SER A 451 15.30 9.08 -5.69
C SER A 451 15.69 8.28 -6.93
N ASP A 452 16.96 8.35 -7.31
CA ASP A 452 17.46 7.63 -8.48
C ASP A 452 17.44 6.13 -8.24
N VAL A 453 16.81 5.41 -9.15
CA VAL A 453 16.71 3.96 -9.04
C VAL A 453 17.67 3.33 -10.03
N GLY A 454 18.56 2.49 -9.50
CA GLY A 454 19.56 1.82 -10.33
C GLY A 454 19.01 0.61 -11.03
N THR A 455 19.92 -0.12 -11.67
CA THR A 455 19.57 -1.24 -12.51
C THR A 455 20.31 -2.49 -12.05
N THR A 456 19.61 -3.62 -12.06
CA THR A 456 20.25 -4.89 -11.76
C THR A 456 20.08 -5.87 -12.92
N PHE A 457 21.09 -6.69 -13.16
CA PHE A 457 21.04 -7.68 -14.23
C PHE A 457 20.50 -9.02 -13.69
N ASN A 458 19.26 -9.32 -14.06
CA ASN A 458 18.63 -10.60 -13.78
C ASN A 458 18.30 -11.30 -15.09
N LEU A 459 19.35 -11.52 -15.89
CA LEU A 459 19.27 -11.94 -17.30
C LEU A 459 18.67 -10.81 -18.16
N ILE A 460 17.44 -10.40 -17.85
CA ILE A 460 16.94 -9.14 -18.35
C ILE A 460 17.33 -8.06 -17.34
N LEU A 461 17.52 -6.84 -17.82
CA LEU A 461 17.82 -5.73 -16.92
C LEU A 461 16.54 -5.28 -16.23
N MET A 462 16.64 -4.95 -14.94
CA MET A 462 15.49 -4.63 -14.10
C MET A 462 15.82 -3.54 -13.11
N PRO A 463 14.79 -2.79 -12.64
CA PRO A 463 15.01 -1.86 -11.52
C PRO A 463 15.62 -2.60 -10.34
N GLU A 464 16.60 -1.96 -9.70
CA GLU A 464 17.35 -2.55 -8.61
C GLU A 464 16.56 -2.62 -7.30
N LYS A 465 15.53 -1.79 -7.16
CA LYS A 465 14.71 -1.74 -5.95
C LYS A 465 13.28 -1.32 -6.31
N PRO A 466 12.31 -1.57 -5.41
CA PRO A 466 10.91 -1.20 -5.71
C PRO A 466 10.70 0.29 -5.96
N ILE A 467 9.72 0.59 -6.79
CA ILE A 467 9.32 1.97 -7.10
C ILE A 467 7.85 2.13 -6.68
N SER A 468 7.59 3.08 -5.79
CA SER A 468 6.22 3.30 -5.33
C SER A 468 5.61 4.56 -5.94
N PHE A 469 4.59 4.38 -6.78
CA PHE A 469 3.95 5.50 -7.48
C PHE A 469 2.76 6.04 -6.73
N THR A 470 2.44 7.31 -6.96
CA THR A 470 1.18 7.92 -6.57
C THR A 470 0.42 8.33 -7.84
N PHE A 471 -0.83 7.89 -7.92
CA PHE A 471 -1.71 8.18 -9.05
C PHE A 471 -2.85 9.11 -8.60
N TRP A 472 -3.04 10.20 -9.35
CA TRP A 472 -4.18 11.11 -9.13
C TRP A 472 -5.10 11.02 -10.35
N PRO A 473 -6.43 10.91 -10.14
CA PRO A 473 -7.37 10.93 -11.27
C PRO A 473 -7.27 12.28 -11.99
N PHE A 474 -7.29 12.26 -13.33
CA PHE A 474 -7.07 13.48 -14.11
C PHE A 474 -8.37 14.00 -14.70
N PRO B 5 -32.31 34.07 41.20
CA PRO B 5 -31.82 33.43 39.97
C PRO B 5 -32.93 33.32 38.93
N ARG B 6 -32.57 33.48 37.66
CA ARG B 6 -33.54 33.44 36.59
C ARG B 6 -34.09 32.03 36.36
N PRO B 7 -35.36 31.91 35.92
CA PRO B 7 -35.94 30.60 35.66
C PRO B 7 -35.31 29.90 34.45
N PHE B 8 -35.46 28.57 34.40
CA PHE B 8 -34.94 27.72 33.34
C PHE B 8 -35.26 28.25 31.93
N ASN B 9 -36.49 28.70 31.73
CA ASN B 9 -36.95 29.18 30.42
C ASN B 9 -36.23 30.43 29.89
N GLU B 10 -35.46 31.11 30.75
CA GLU B 10 -34.72 32.30 30.30
C GLU B 10 -33.33 31.99 29.74
N ILE B 11 -32.88 30.75 29.93
CA ILE B 11 -31.66 30.27 29.27
C ILE B 11 -31.86 30.41 27.76
N PRO B 12 -30.93 31.09 27.07
CA PRO B 12 -31.03 31.26 25.63
C PRO B 12 -31.19 29.91 24.91
N SER B 13 -31.94 29.92 23.81
CA SER B 13 -32.26 28.69 23.08
C SER B 13 -32.83 29.00 21.69
N PRO B 14 -32.63 28.09 20.71
CA PRO B 14 -33.24 28.25 19.39
C PRO B 14 -34.77 28.21 19.39
N GLY B 15 -35.38 27.79 20.49
CA GLY B 15 -36.84 27.63 20.57
C GLY B 15 -37.23 26.28 21.16
N ASP B 16 -38.52 26.11 21.44
CA ASP B 16 -39.03 24.95 22.17
C ASP B 16 -39.42 23.76 21.29
N ASN B 17 -39.49 23.96 19.99
CA ASN B 17 -39.87 22.89 19.08
C ASN B 17 -38.66 22.02 18.71
N GLY B 18 -38.53 20.89 19.40
CA GLY B 18 -37.44 19.94 19.18
C GLY B 18 -37.30 19.43 17.76
N TRP B 19 -38.43 19.32 17.05
CA TRP B 19 -38.45 18.80 15.69
C TRP B 19 -38.00 19.83 14.68
N LEU B 20 -38.44 21.07 14.88
CA LEU B 20 -37.96 22.21 14.08
C LEU B 20 -36.46 22.44 14.30
N ASN B 21 -36.01 22.32 15.54
CA ASN B 21 -34.58 22.45 15.87
C ASN B 21 -33.74 21.40 15.18
N LEU B 22 -34.23 20.16 15.20
CA LEU B 22 -33.56 19.04 14.54
C LEU B 22 -33.46 19.27 13.04
N TYR B 23 -34.56 19.78 12.47
CA TYR B 23 -34.59 20.12 11.06
C TYR B 23 -33.51 21.14 10.66
N HIS B 24 -33.39 22.23 11.43
CA HIS B 24 -32.38 23.24 11.12
C HIS B 24 -30.95 22.73 11.33
N PHE B 25 -30.75 21.92 12.37
CA PHE B 25 -29.45 21.26 12.60
C PHE B 25 -29.02 20.43 11.38
N TRP B 26 -29.89 19.53 10.91
CA TRP B 26 -29.58 18.71 9.73
C TRP B 26 -29.34 19.53 8.47
N ARG B 27 -30.18 20.54 8.25
CA ARG B 27 -30.08 21.37 7.05
C ARG B 27 -28.81 22.23 7.01
N GLU B 28 -28.54 22.97 8.08
CA GLU B 28 -27.43 23.94 8.15
C GLU B 28 -26.06 23.31 8.38
N THR B 29 -26.00 22.26 9.20
CA THR B 29 -24.73 21.73 9.70
C THR B 29 -24.52 20.25 9.39
N GLY B 30 -25.55 19.43 9.62
CA GLY B 30 -25.48 17.99 9.35
C GLY B 30 -25.12 17.16 10.57
N THR B 31 -25.57 15.90 10.57
CA THR B 31 -25.36 15.00 11.72
C THR B 31 -23.89 14.71 12.02
N HIS B 32 -23.08 14.66 10.96
CA HIS B 32 -21.67 14.34 11.09
C HIS B 32 -20.81 15.53 11.53
N LYS B 33 -21.45 16.66 11.82
CA LYS B 33 -20.78 17.89 12.24
C LYS B 33 -21.41 18.47 13.51
N VAL B 34 -21.91 17.60 14.39
CA VAL B 34 -22.51 18.04 15.65
C VAL B 34 -21.54 18.89 16.50
N HIS B 35 -20.25 18.57 16.44
CA HIS B 35 -19.21 19.34 17.15
C HIS B 35 -19.15 20.80 16.70
N LEU B 36 -19.32 21.04 15.39
CA LEU B 36 -19.38 22.39 14.85
C LEU B 36 -20.66 23.09 15.24
N HIS B 37 -21.73 22.33 15.35
CA HIS B 37 -23.03 22.84 15.76
C HIS B 37 -22.88 23.45 17.16
N HIS B 38 -22.20 22.73 18.07
CA HIS B 38 -21.90 23.25 19.41
C HIS B 38 -21.06 24.53 19.39
N VAL B 39 -19.98 24.52 18.59
CA VAL B 39 -19.11 25.71 18.50
C VAL B 39 -19.93 26.93 18.07
N GLN B 40 -20.71 26.76 16.99
CA GLN B 40 -21.59 27.81 16.46
C GLN B 40 -22.65 28.27 17.46
N ASN B 41 -23.22 27.34 18.24
CA ASN B 41 -24.23 27.70 19.22
C ASN B 41 -23.70 28.60 20.34
N PHE B 42 -22.52 28.26 20.88
CA PHE B 42 -21.85 29.10 21.88
C PHE B 42 -21.50 30.51 21.37
N GLN B 43 -21.13 30.62 20.10
CA GLN B 43 -20.88 31.92 19.47
C GLN B 43 -22.18 32.73 19.38
N LYS B 44 -23.28 32.05 19.11
CA LYS B 44 -24.61 32.69 19.03
C LYS B 44 -25.23 33.07 20.38
N TYR B 45 -25.11 32.19 21.38
CA TYR B 45 -25.90 32.34 22.62
C TYR B 45 -25.12 32.73 23.87
N GLY B 46 -23.80 32.61 23.81
CA GLY B 46 -22.97 32.80 24.99
C GLY B 46 -22.56 31.46 25.58
N PRO B 47 -22.02 31.49 26.80
CA PRO B 47 -21.40 30.31 27.42
C PRO B 47 -22.37 29.30 28.01
N ILE B 48 -23.67 29.57 27.95
CA ILE B 48 -24.68 28.59 28.34
C ILE B 48 -25.92 28.68 27.45
N TYR B 49 -26.40 27.53 27.00
CA TYR B 49 -27.65 27.50 26.24
C TYR B 49 -28.41 26.21 26.46
N ARG B 50 -29.68 26.21 26.04
CA ARG B 50 -30.48 24.99 26.08
C ARG B 50 -31.00 24.71 24.67
N GLU B 51 -31.05 23.43 24.32
CA GLU B 51 -31.57 23.03 23.01
C GLU B 51 -32.23 21.68 23.17
N LYS B 52 -33.50 21.63 22.76
CA LYS B 52 -34.20 20.37 22.58
C LYS B 52 -33.99 19.90 21.14
N LEU B 53 -33.41 18.72 20.99
CA LEU B 53 -33.23 18.09 19.69
C LEU B 53 -34.08 16.83 19.61
N GLY B 54 -35.12 16.90 18.80
CA GLY B 54 -36.13 15.84 18.74
C GLY B 54 -36.86 15.72 20.05
N ASN B 55 -36.61 14.62 20.75
CA ASN B 55 -37.24 14.35 22.05
C ASN B 55 -36.42 14.79 23.27
N VAL B 56 -35.10 14.91 23.12
CA VAL B 56 -34.19 15.22 24.23
C VAL B 56 -33.75 16.70 24.35
N GLU B 57 -34.01 17.25 25.52
CA GLU B 57 -33.60 18.59 25.88
C GLU B 57 -32.35 18.54 26.76
N SER B 58 -31.37 19.36 26.42
CA SER B 58 -30.17 19.47 27.24
C SER B 58 -29.83 20.93 27.51
N VAL B 59 -29.16 21.15 28.62
CA VAL B 59 -28.47 22.41 28.86
C VAL B 59 -26.99 22.18 28.51
N TYR B 60 -26.43 23.11 27.75
CA TYR B 60 -25.04 23.00 27.32
C TYR B 60 -24.17 24.07 28.00
N VAL B 61 -23.00 23.63 28.47
CA VAL B 61 -22.00 24.51 29.10
C VAL B 61 -20.63 24.32 28.49
N ILE B 62 -19.80 25.36 28.61
CA ILE B 62 -18.45 25.39 28.05
C ILE B 62 -17.37 25.82 29.08
N ASP B 63 -17.73 26.75 29.97
CA ASP B 63 -16.80 27.29 30.97
C ASP B 63 -16.39 26.27 32.02
N PRO B 64 -15.06 26.02 32.17
CA PRO B 64 -14.57 25.10 33.19
C PRO B 64 -15.11 25.40 34.60
N GLU B 65 -15.41 26.67 34.87
CA GLU B 65 -15.94 27.08 36.16
C GLU B 65 -17.31 26.46 36.43
N ASP B 66 -18.18 26.49 35.42
CA ASP B 66 -19.49 25.84 35.47
C ASP B 66 -19.38 24.32 35.47
N VAL B 67 -18.38 23.80 34.74
CA VAL B 67 -18.10 22.37 34.70
C VAL B 67 -17.78 21.85 36.10
N ALA B 68 -16.93 22.59 36.82
CA ALA B 68 -16.56 22.27 38.20
C ALA B 68 -17.76 22.19 39.13
N LEU B 69 -18.70 23.12 38.97
CA LEU B 69 -19.91 23.13 39.78
C LEU B 69 -20.82 21.95 39.48
N LEU B 70 -20.84 21.52 38.22
CA LEU B 70 -21.66 20.39 37.81
C LEU B 70 -21.17 19.11 38.48
N PHE B 71 -19.86 18.91 38.45
CA PHE B 71 -19.29 17.71 39.04
C PHE B 71 -19.22 17.76 40.56
N LYS B 72 -19.18 18.96 41.15
CA LYS B 72 -19.27 19.11 42.62
C LYS B 72 -20.64 18.65 43.15
N SER B 73 -21.67 18.79 42.34
CA SER B 73 -23.04 18.47 42.76
C SER B 73 -23.44 17.04 42.41
N GLU B 74 -22.45 16.25 42.01
CA GLU B 74 -22.68 14.89 41.55
C GLU B 74 -23.09 13.94 42.69
N GLY B 75 -24.12 13.13 42.43
CA GLY B 75 -24.58 12.11 43.35
C GLY B 75 -23.67 10.89 43.37
N PRO B 76 -24.01 9.91 44.22
CA PRO B 76 -23.19 8.70 44.36
C PRO B 76 -23.23 7.74 43.16
N ASN B 77 -24.35 7.78 42.42
CA ASN B 77 -24.55 6.92 41.25
C ASN B 77 -24.89 7.77 40.01
N PRO B 78 -23.88 8.42 39.41
CA PRO B 78 -24.09 9.34 38.29
C PRO B 78 -24.69 8.65 37.06
N GLU B 79 -25.47 9.39 36.29
CA GLU B 79 -26.04 8.89 35.05
C GLU B 79 -25.67 9.86 33.92
N ARG B 80 -25.16 9.31 32.82
CA ARG B 80 -24.90 10.11 31.62
C ARG B 80 -26.01 9.83 30.61
N PHE B 81 -25.91 10.44 29.43
CA PHE B 81 -26.86 10.20 28.36
C PHE B 81 -26.65 8.82 27.76
N LEU B 82 -27.73 8.03 27.68
CA LEU B 82 -27.69 6.69 27.09
C LEU B 82 -28.07 6.75 25.62
N ILE B 83 -27.28 6.07 24.78
CA ILE B 83 -27.53 6.05 23.33
C ILE B 83 -28.73 5.17 23.00
N PRO B 84 -29.82 5.77 22.47
CA PRO B 84 -31.08 5.01 22.31
C PRO B 84 -31.00 3.77 21.39
N PRO B 85 -30.35 3.88 20.21
CA PRO B 85 -30.18 2.63 19.47
C PRO B 85 -29.48 1.51 20.26
N TRP B 86 -28.53 1.87 21.13
CA TRP B 86 -27.82 0.87 21.95
C TRP B 86 -28.75 0.23 22.97
N VAL B 87 -29.46 1.08 23.72
CA VAL B 87 -30.45 0.64 24.71
C VAL B 87 -31.50 -0.25 24.03
N ALA B 88 -32.09 0.23 22.94
CA ALA B 88 -33.16 -0.52 22.25
C ALA B 88 -32.70 -1.89 21.76
N TYR B 89 -31.48 -1.98 21.24
CA TYR B 89 -30.93 -3.25 20.82
C TYR B 89 -30.83 -4.26 21.98
N HIS B 90 -30.32 -3.80 23.12
CA HIS B 90 -30.13 -4.69 24.27
C HIS B 90 -31.47 -5.15 24.85
N GLN B 91 -32.44 -4.22 24.90
CA GLN B 91 -33.76 -4.50 25.43
C GLN B 91 -34.56 -5.43 24.52
N TYR B 92 -34.57 -5.13 23.22
CA TYR B 92 -35.35 -5.91 22.27
C TYR B 92 -34.80 -7.33 22.06
N TYR B 93 -33.48 -7.46 21.95
CA TYR B 93 -32.86 -8.77 21.76
C TYR B 93 -32.40 -9.40 23.08
N GLN B 94 -32.83 -8.80 24.19
CA GLN B 94 -32.53 -9.32 25.54
C GLN B 94 -31.05 -9.66 25.78
N ARG B 95 -30.17 -8.75 25.41
CA ARG B 95 -28.74 -8.95 25.61
C ARG B 95 -28.35 -8.46 26.99
N PRO B 96 -27.59 -9.27 27.75
CA PRO B 96 -27.17 -8.85 29.08
C PRO B 96 -26.30 -7.58 28.98
N ILE B 97 -26.60 -6.63 29.85
CA ILE B 97 -25.99 -5.31 29.80
C ILE B 97 -24.82 -5.25 30.77
N GLY B 98 -23.82 -4.47 30.41
CA GLY B 98 -22.69 -4.26 31.29
C GLY B 98 -22.78 -2.90 31.97
N VAL B 99 -21.66 -2.49 32.53
CA VAL B 99 -21.56 -1.29 33.33
C VAL B 99 -22.03 -0.03 32.57
N LEU B 100 -21.79 0.00 31.26
CA LEU B 100 -22.19 1.13 30.44
C LEU B 100 -23.69 1.43 30.48
N LEU B 101 -24.51 0.39 30.49
CA LEU B 101 -25.96 0.56 30.37
C LEU B 101 -26.70 0.41 31.68
N LYS B 102 -25.97 0.25 32.78
CA LYS B 102 -26.57 0.11 34.10
C LYS B 102 -26.69 1.45 34.82
N LYS B 103 -27.45 1.45 35.91
CA LYS B 103 -27.61 2.62 36.79
C LYS B 103 -27.73 2.17 38.24
N SER B 104 -27.66 3.14 39.16
CA SER B 104 -27.95 2.93 40.58
C SER B 104 -27.04 1.86 41.21
N ALA B 105 -27.58 1.08 42.15
CA ALA B 105 -26.81 0.07 42.89
C ALA B 105 -26.27 -1.04 42.00
N ALA B 106 -27.04 -1.43 40.98
CA ALA B 106 -26.58 -2.44 40.03
C ALA B 106 -25.33 -1.97 39.26
N TRP B 107 -25.25 -0.68 38.97
CA TRP B 107 -24.07 -0.12 38.32
C TRP B 107 -22.87 -0.10 39.28
N LYS B 108 -23.13 0.30 40.52
CA LYS B 108 -22.10 0.45 41.54
C LYS B 108 -21.39 -0.88 41.82
N LYS B 109 -22.16 -1.97 41.85
CA LYS B 109 -21.65 -3.31 42.13
C LYS B 109 -20.70 -3.81 41.03
N ASP B 110 -21.08 -3.65 39.76
CA ASP B 110 -20.18 -3.96 38.63
C ASP B 110 -18.94 -3.07 38.65
N ARG B 111 -19.14 -1.77 38.78
CA ARG B 111 -18.03 -0.82 38.74
C ARG B 111 -16.96 -1.11 39.79
N VAL B 112 -17.37 -1.34 41.04
CA VAL B 112 -16.43 -1.61 42.13
C VAL B 112 -15.64 -2.90 41.87
N ALA B 113 -16.33 -3.95 41.44
CA ALA B 113 -15.66 -5.20 41.10
C ALA B 113 -14.69 -5.03 39.92
N LEU B 114 -15.09 -4.27 38.91
CA LEU B 114 -14.25 -4.05 37.74
C LEU B 114 -13.04 -3.17 38.03
N ASN B 115 -13.27 -2.11 38.83
CA ASN B 115 -12.21 -1.16 39.18
C ASN B 115 -10.98 -1.79 39.82
N GLN B 116 -11.17 -2.83 40.64
CA GLN B 116 -10.02 -3.45 41.27
C GLN B 116 -9.20 -4.34 40.33
N GLU B 117 -9.77 -4.71 39.18
CA GLU B 117 -9.01 -5.43 38.16
C GLU B 117 -8.51 -4.58 36.98
N VAL B 118 -9.11 -3.41 36.75
CA VAL B 118 -8.75 -2.62 35.56
C VAL B 118 -8.32 -1.17 35.84
N MET B 119 -8.60 -0.66 37.04
CA MET B 119 -8.25 0.71 37.41
C MET B 119 -7.17 0.77 38.49
N ALA B 120 -7.20 -0.16 39.44
CA ALA B 120 -6.30 -0.14 40.60
C ALA B 120 -4.82 -0.32 40.23
N PRO B 121 -3.95 0.55 40.79
CA PRO B 121 -2.50 0.48 40.49
C PRO B 121 -1.90 -0.91 40.68
N GLU B 122 -2.41 -1.66 41.65
CA GLU B 122 -1.91 -3.01 41.95
C GLU B 122 -2.27 -4.01 40.87
N ALA B 123 -3.40 -3.77 40.21
CA ALA B 123 -3.79 -4.55 39.04
C ALA B 123 -3.07 -4.08 37.78
N THR B 124 -2.99 -2.77 37.57
CA THR B 124 -2.53 -2.22 36.29
C THR B 124 -1.04 -2.40 36.02
N LYS B 125 -0.24 -2.52 37.09
CA LYS B 125 1.20 -2.81 36.96
C LYS B 125 1.45 -4.09 36.15
N ASN B 126 0.53 -5.04 36.22
CA ASN B 126 0.62 -6.27 35.44
C ASN B 126 0.32 -6.11 33.95
N PHE B 127 -0.21 -4.95 33.56
CA PHE B 127 -0.53 -4.68 32.16
C PHE B 127 0.73 -4.40 31.34
N LEU B 128 1.73 -3.81 31.97
CA LEU B 128 2.92 -3.31 31.27
C LEU B 128 3.59 -4.27 30.28
N PRO B 129 3.97 -5.50 30.73
CA PRO B 129 4.62 -6.42 29.78
C PRO B 129 3.70 -6.89 28.65
N LEU B 130 2.41 -7.01 28.96
CA LEU B 130 1.41 -7.47 27.98
C LEU B 130 1.18 -6.42 26.90
N LEU B 131 1.22 -5.14 27.29
CA LEU B 131 1.05 -4.04 26.33
C LEU B 131 2.34 -3.73 25.59
N ASP B 132 3.47 -3.88 26.27
CA ASP B 132 4.77 -3.63 25.69
C ASP B 132 5.12 -4.64 24.59
N ALA B 133 4.84 -5.92 24.84
CA ALA B 133 4.92 -6.98 23.82
C ALA B 133 4.20 -6.64 22.51
N VAL B 134 3.00 -6.08 22.62
CA VAL B 134 2.21 -5.77 21.42
C VAL B 134 2.81 -4.57 20.67
N SER B 135 3.21 -3.54 21.42
CA SER B 135 3.84 -2.35 20.84
C SER B 135 5.18 -2.65 20.17
N ARG B 136 5.95 -3.57 20.76
CA ARG B 136 7.19 -4.05 20.14
C ARG B 136 6.94 -4.73 18.79
N ASP B 137 5.91 -5.57 18.74
CA ASP B 137 5.51 -6.22 17.50
C ASP B 137 5.02 -5.22 16.46
N PHE B 138 4.38 -4.14 16.90
CA PHE B 138 4.00 -3.07 15.97
C PHE B 138 5.21 -2.41 15.32
N VAL B 139 6.22 -2.10 16.13
CA VAL B 139 7.51 -1.58 15.66
C VAL B 139 8.10 -2.51 14.58
N SER B 140 8.11 -3.82 14.87
CA SER B 140 8.63 -4.81 13.92
C SER B 140 7.88 -4.82 12.59
N VAL B 141 6.56 -4.71 12.62
CA VAL B 141 5.76 -4.60 11.39
C VAL B 141 6.24 -3.43 10.55
N LEU B 142 6.39 -2.26 11.18
CA LEU B 142 6.84 -1.08 10.46
C LEU B 142 8.26 -1.23 9.88
N HIS B 143 9.17 -1.83 10.66
CA HIS B 143 10.53 -2.12 10.17
C HIS B 143 10.55 -3.05 8.96
N ARG B 144 9.65 -4.02 8.91
CA ARG B 144 9.54 -4.93 7.76
C ARG B 144 9.02 -4.22 6.51
N ARG B 145 8.06 -3.32 6.69
CA ARG B 145 7.49 -2.57 5.57
C ARG B 145 8.49 -1.58 4.98
N ILE B 146 9.34 -1.02 5.84
CA ILE B 146 10.44 -0.13 5.43
C ILE B 146 11.47 -0.92 4.62
N LYS B 147 11.89 -2.07 5.14
CA LYS B 147 12.86 -2.92 4.44
C LYS B 147 12.33 -3.33 3.07
N LYS B 148 11.08 -3.80 3.04
CA LYS B 148 10.41 -4.22 1.80
C LYS B 148 10.22 -3.07 0.78
N ALA B 149 9.93 -1.86 1.29
CA ALA B 149 9.79 -0.69 0.43
C ALA B 149 11.11 -0.30 -0.25
N GLY B 150 12.23 -0.69 0.38
CA GLY B 150 13.55 -0.61 -0.24
C GLY B 150 14.27 0.73 -0.29
N SER B 151 13.59 1.82 0.00
CA SER B 151 14.21 3.15 -0.09
C SER B 151 14.48 3.84 1.26
N GLY B 152 14.48 3.07 2.34
CA GLY B 152 14.79 3.63 3.67
C GLY B 152 13.63 4.27 4.41
N ASN B 153 12.41 4.14 3.87
CA ASN B 153 11.20 4.67 4.51
C ASN B 153 9.93 3.89 4.13
N TYR B 154 8.84 4.19 4.83
CA TYR B 154 7.53 3.65 4.51
C TYR B 154 6.48 4.74 4.61
N SER B 155 5.68 4.89 3.55
CA SER B 155 4.56 5.83 3.53
C SER B 155 3.27 5.07 3.36
N GLY B 156 2.25 5.50 4.10
CA GLY B 156 0.95 4.85 4.03
C GLY B 156 -0.03 5.28 5.10
N ASP B 157 -1.29 4.95 4.86
CA ASP B 157 -2.38 5.10 5.82
C ASP B 157 -2.29 3.87 6.73
N ILE B 158 -2.08 4.10 8.03
CA ILE B 158 -1.94 2.99 8.98
C ILE B 158 -3.16 2.78 9.89
N SER B 159 -4.30 3.38 9.54
CA SER B 159 -5.51 3.27 10.35
C SER B 159 -5.92 1.81 10.64
N ASP B 160 -5.88 0.96 9.60
CA ASP B 160 -6.28 -0.46 9.76
C ASP B 160 -5.32 -1.22 10.65
N ASP B 161 -4.04 -0.89 10.55
CA ASP B 161 -3.03 -1.46 11.42
C ASP B 161 -3.21 -1.01 12.87
N LEU B 162 -3.61 0.24 13.06
CA LEU B 162 -3.84 0.77 14.40
C LEU B 162 -5.04 0.10 15.06
N PHE B 163 -6.12 -0.11 14.29
CA PHE B 163 -7.28 -0.89 14.79
C PHE B 163 -6.88 -2.31 15.23
N ARG B 164 -6.06 -2.97 14.41
CA ARG B 164 -5.54 -4.30 14.76
C ARG B 164 -4.61 -4.25 15.97
N PHE B 165 -3.82 -3.17 16.08
CA PHE B 165 -2.98 -2.97 17.26
C PHE B 165 -3.83 -2.83 18.53
N ALA B 166 -4.86 -1.99 18.45
CA ALA B 166 -5.75 -1.74 19.58
C ALA B 166 -6.44 -3.04 20.02
N PHE B 167 -6.84 -3.85 19.05
CA PHE B 167 -7.50 -5.14 19.34
C PHE B 167 -6.57 -6.20 19.99
N GLU B 168 -5.37 -6.37 19.44
CA GLU B 168 -4.31 -7.16 20.06
C GLU B 168 -4.06 -6.75 21.50
N SER B 169 -3.99 -5.44 21.73
CA SER B 169 -3.70 -4.90 23.07
C SER B 169 -4.77 -5.23 24.11
N ILE B 170 -6.03 -4.92 23.79
CA ILE B 170 -7.13 -5.17 24.72
C ILE B 170 -7.34 -6.67 24.99
N THR B 171 -7.20 -7.49 23.96
CA THR B 171 -7.36 -8.95 24.10
C THR B 171 -6.21 -9.53 24.90
N ASN B 172 -5.01 -8.99 24.73
CA ASN B 172 -3.86 -9.46 25.49
C ASN B 172 -3.99 -9.22 26.99
N VAL B 173 -4.51 -8.05 27.38
CA VAL B 173 -4.68 -7.76 28.82
C VAL B 173 -5.91 -8.46 29.40
N ILE B 174 -6.91 -8.74 28.56
CA ILE B 174 -8.11 -9.43 29.02
C ILE B 174 -7.91 -10.94 29.10
N PHE B 175 -7.35 -11.53 28.03
CA PHE B 175 -7.24 -12.97 27.90
C PHE B 175 -5.85 -13.52 28.21
N GLY B 176 -4.86 -12.62 28.31
CA GLY B 176 -3.46 -13.02 28.49
C GLY B 176 -2.94 -13.86 27.34
N GLU B 177 -3.59 -13.77 26.17
CA GLU B 177 -3.17 -14.51 24.98
C GLU B 177 -3.10 -13.59 23.77
N ARG B 178 -2.10 -13.83 22.92
CA ARG B 178 -1.96 -13.13 21.64
C ARG B 178 -2.92 -13.70 20.60
N GLN B 179 -3.62 -12.82 19.89
CA GLN B 179 -4.56 -13.22 18.85
C GLN B 179 -3.92 -13.28 17.46
N GLY B 180 -2.71 -12.74 17.34
CA GLY B 180 -1.96 -12.80 16.07
C GLY B 180 -2.32 -11.75 15.03
N MET B 181 -2.96 -10.66 15.45
CA MET B 181 -3.43 -9.63 14.50
C MET B 181 -2.33 -8.72 13.94
N LEU B 182 -1.10 -8.89 14.41
CA LEU B 182 0.03 -8.13 13.86
C LEU B 182 0.93 -8.96 12.92
N GLU B 183 0.61 -10.24 12.74
CA GLU B 183 1.31 -11.12 11.79
C GLU B 183 0.85 -10.86 10.35
N GLU B 184 1.60 -11.41 9.39
CA GLU B 184 1.31 -11.20 7.97
C GLU B 184 -0.05 -11.78 7.53
N VAL B 185 -0.34 -13.00 7.97
CA VAL B 185 -1.63 -13.64 7.71
C VAL B 185 -2.50 -13.57 8.96
N VAL B 186 -3.64 -12.92 8.83
CA VAL B 186 -4.46 -12.53 9.97
C VAL B 186 -5.72 -13.40 10.08
N ASN B 187 -6.20 -13.61 11.31
CA ASN B 187 -7.46 -14.31 11.55
C ASN B 187 -8.65 -13.50 11.01
N PRO B 188 -9.35 -14.05 9.98
CA PRO B 188 -10.45 -13.31 9.35
C PRO B 188 -11.66 -13.10 10.27
N GLU B 189 -11.83 -13.97 11.27
CA GLU B 189 -12.93 -13.83 12.22
C GLU B 189 -12.70 -12.72 13.25
N ALA B 190 -11.45 -12.53 13.65
CA ALA B 190 -11.09 -11.40 14.51
C ALA B 190 -11.20 -10.07 13.74
N GLN B 191 -10.86 -10.08 12.45
CA GLN B 191 -11.03 -8.89 11.62
C GLN B 191 -12.51 -8.51 11.48
N ARG B 192 -13.38 -9.51 11.33
CA ARG B 192 -14.82 -9.28 11.31
C ARG B 192 -15.29 -8.60 12.58
N PHE B 193 -14.75 -8.99 13.74
CA PHE B 193 -15.11 -8.35 15.00
C PHE B 193 -14.71 -6.87 15.02
N ILE B 194 -13.51 -6.57 14.52
CA ILE B 194 -12.97 -5.21 14.44
C ILE B 194 -13.85 -4.32 13.57
N ASP B 195 -14.18 -4.81 12.38
CA ASP B 195 -15.08 -4.12 11.45
C ASP B 195 -16.47 -3.92 12.02
N ALA B 196 -16.95 -4.86 12.82
CA ALA B 196 -18.29 -4.76 13.42
C ALA B 196 -18.37 -3.62 14.42
N ILE B 197 -17.28 -3.38 15.13
CA ILE B 197 -17.20 -2.32 16.13
C ILE B 197 -17.33 -0.96 15.47
N TYR B 198 -16.56 -0.76 14.40
CA TYR B 198 -16.61 0.45 13.62
C TYR B 198 -18.04 0.67 13.08
N GLN B 199 -18.61 -0.39 12.53
CA GLN B 199 -19.98 -0.35 11.99
C GLN B 199 -21.02 -0.02 13.06
N MET B 200 -20.88 -0.61 14.24
CA MET B 200 -21.78 -0.29 15.36
C MET B 200 -21.82 1.22 15.63
N PHE B 201 -20.65 1.86 15.72
CA PHE B 201 -20.56 3.30 15.95
C PHE B 201 -21.14 4.13 14.80
N HIS B 202 -20.68 3.85 13.58
CA HIS B 202 -21.11 4.54 12.35
C HIS B 202 -22.63 4.50 12.14
N THR B 203 -23.22 3.33 12.30
CA THR B 203 -24.67 3.18 12.10
C THR B 203 -25.48 3.76 13.25
N SER B 204 -24.83 4.15 14.35
CA SER B 204 -25.55 4.76 15.47
C SER B 204 -26.05 6.16 15.09
N VAL B 205 -25.28 6.85 14.26
CA VAL B 205 -25.46 8.28 13.99
C VAL B 205 -26.83 8.65 13.37
N PRO B 206 -27.26 7.95 12.28
CA PRO B 206 -28.55 8.33 11.71
C PRO B 206 -29.73 8.13 12.66
N MET B 207 -29.50 7.46 13.79
CA MET B 207 -30.59 7.16 14.70
C MET B 207 -30.61 8.04 15.95
N LEU B 208 -29.59 8.89 16.09
CA LEU B 208 -29.52 9.80 17.23
C LEU B 208 -30.59 10.88 17.13
N ASN B 209 -31.05 11.32 18.29
CA ASN B 209 -32.06 12.37 18.43
C ASN B 209 -33.48 11.89 18.17
N LEU B 210 -33.63 10.58 17.91
CA LEU B 210 -34.95 9.98 17.63
C LEU B 210 -35.35 8.96 18.68
N PRO B 211 -36.65 8.92 19.04
CA PRO B 211 -37.12 7.82 19.89
C PRO B 211 -37.11 6.50 19.11
N PRO B 212 -37.03 5.36 19.83
CA PRO B 212 -36.99 4.07 19.13
C PRO B 212 -38.19 3.81 18.20
N ASP B 213 -39.36 4.36 18.56
CA ASP B 213 -40.55 4.30 17.68
C ASP B 213 -40.34 4.86 16.29
N LEU B 214 -39.52 5.91 16.19
CA LEU B 214 -39.32 6.59 14.90
C LEU B 214 -38.14 6.04 14.11
N PHE B 215 -37.04 5.69 14.77
CA PHE B 215 -35.91 5.17 13.98
C PHE B 215 -36.17 3.80 13.33
N ARG B 216 -37.00 2.98 13.95
CA ARG B 216 -37.46 1.73 13.31
C ARG B 216 -38.29 1.94 12.04
N LEU B 217 -38.83 3.16 11.89
CA LEU B 217 -39.79 3.51 10.84
C LEU B 217 -39.17 4.36 9.72
N PHE B 218 -38.18 5.20 10.06
CA PHE B 218 -37.54 6.07 9.07
C PHE B 218 -36.06 5.78 8.86
N ARG B 219 -35.53 4.84 9.65
CA ARG B 219 -34.13 4.48 9.59
C ARG B 219 -34.04 2.95 9.62
N THR B 220 -34.96 2.31 8.92
CA THR B 220 -35.10 0.84 8.95
C THR B 220 -33.83 0.14 8.48
N LYS B 221 -33.24 0.62 7.38
CA LYS B 221 -32.01 0.03 6.85
C LYS B 221 -30.83 0.18 7.84
N THR B 222 -30.64 1.39 8.36
CA THR B 222 -29.57 1.67 9.32
C THR B 222 -29.74 0.80 10.58
N TRP B 223 -30.97 0.68 11.06
CA TRP B 223 -31.28 -0.08 12.25
C TRP B 223 -30.94 -1.56 12.04
N LYS B 224 -31.34 -2.10 10.90
CA LYS B 224 -31.00 -3.47 10.50
C LYS B 224 -29.47 -3.70 10.53
N ASP B 225 -28.70 -2.76 9.97
CA ASP B 225 -27.22 -2.86 9.93
C ASP B 225 -26.62 -2.76 11.32
N HIS B 226 -27.16 -1.85 12.11
CA HIS B 226 -26.77 -1.65 13.48
C HIS B 226 -26.93 -2.92 14.31
N VAL B 227 -28.12 -3.52 14.23
CA VAL B 227 -28.40 -4.83 14.85
C VAL B 227 -27.41 -5.90 14.40
N ALA B 228 -27.10 -5.95 13.11
CA ALA B 228 -26.14 -6.93 12.61
C ALA B 228 -24.75 -6.75 13.22
N ALA B 229 -24.36 -5.49 13.43
CA ALA B 229 -23.04 -5.17 13.97
C ALA B 229 -22.90 -5.61 15.42
N TRP B 230 -23.88 -5.27 16.25
CA TRP B 230 -23.92 -5.74 17.63
C TRP B 230 -23.97 -7.28 17.73
N ASP B 231 -24.68 -7.93 16.80
CA ASP B 231 -24.78 -9.39 16.78
C ASP B 231 -23.42 -10.06 16.60
N VAL B 232 -22.56 -9.47 15.76
CA VAL B 232 -21.18 -9.94 15.62
C VAL B 232 -20.41 -9.69 16.91
N ILE B 233 -20.55 -8.48 17.46
CA ILE B 233 -19.90 -8.14 18.72
C ILE B 233 -20.23 -9.15 19.82
N PHE B 234 -21.51 -9.43 20.01
CA PHE B 234 -21.94 -10.37 21.05
C PHE B 234 -21.53 -11.81 20.77
N SER B 235 -21.68 -12.26 19.53
CA SER B 235 -21.28 -13.62 19.17
C SER B 235 -19.81 -13.90 19.47
N LYS B 236 -18.93 -13.02 18.97
CA LYS B 236 -17.48 -13.18 19.12
C LYS B 236 -17.05 -13.08 20.58
N ALA B 237 -17.53 -12.06 21.29
CA ALA B 237 -17.16 -11.86 22.69
C ALA B 237 -17.55 -13.06 23.53
N ASP B 238 -18.72 -13.62 23.25
CA ASP B 238 -19.23 -14.75 24.03
C ASP B 238 -18.46 -16.04 23.74
N ILE B 239 -18.14 -16.31 22.48
CA ILE B 239 -17.28 -17.44 22.12
C ILE B 239 -15.92 -17.36 22.83
N TYR B 240 -15.31 -16.17 22.84
CA TYR B 240 -14.04 -15.95 23.55
C TYR B 240 -14.15 -16.24 25.06
N THR B 241 -15.17 -15.69 25.70
CA THR B 241 -15.37 -15.86 27.13
C THR B 241 -15.62 -17.33 27.50
N GLN B 242 -16.52 -17.98 26.76
CA GLN B 242 -16.87 -19.37 27.00
C GLN B 242 -15.71 -20.34 26.79
N ASN B 243 -14.97 -20.16 25.69
CA ASN B 243 -13.73 -20.92 25.44
C ASN B 243 -12.69 -20.78 26.55
N PHE B 244 -12.49 -19.56 27.03
CA PHE B 244 -11.52 -19.29 28.09
C PHE B 244 -11.93 -19.99 29.38
N TYR B 245 -13.24 -19.90 29.68
CA TYR B 245 -13.84 -20.54 30.84
C TYR B 245 -13.58 -22.04 30.85
N TRP B 246 -13.78 -22.69 29.70
CA TRP B 246 -13.60 -24.14 29.63
C TRP B 246 -12.14 -24.58 29.61
N GLU B 247 -11.30 -23.85 28.88
CA GLU B 247 -9.85 -24.09 28.85
C GLU B 247 -9.19 -23.95 30.22
N LEU B 248 -9.77 -23.08 31.05
CA LEU B 248 -9.36 -22.91 32.45
C LEU B 248 -9.56 -24.22 33.24
N ARG B 249 -10.71 -24.87 33.04
CA ARG B 249 -10.99 -26.15 33.68
C ARG B 249 -10.17 -27.30 33.09
N GLN B 250 -9.81 -27.18 31.81
CA GLN B 250 -8.98 -28.18 31.14
C GLN B 250 -7.55 -28.15 31.66
N LYS B 251 -6.90 -27.00 31.55
CA LYS B 251 -5.55 -26.78 32.07
C LYS B 251 -5.55 -26.63 33.59
N GLY B 252 -6.73 -26.76 34.21
CA GLY B 252 -6.96 -26.66 35.66
C GLY B 252 -5.75 -26.68 36.57
N SER B 253 -5.13 -25.50 36.70
CA SER B 253 -3.89 -25.37 37.47
C SER B 253 -3.78 -23.98 38.11
N VAL B 254 -3.32 -23.94 39.36
CA VAL B 254 -3.06 -22.66 40.01
C VAL B 254 -1.87 -21.99 39.30
N HIS B 255 -1.98 -20.69 39.06
CA HIS B 255 -0.93 -19.94 38.41
C HIS B 255 -0.37 -18.87 39.34
N HIS B 256 0.95 -18.70 39.30
CA HIS B 256 1.63 -17.65 40.05
C HIS B 256 1.88 -16.42 39.17
N ASP B 257 2.15 -16.66 37.89
CA ASP B 257 2.31 -15.58 36.91
C ASP B 257 0.96 -14.96 36.58
N TYR B 258 0.97 -13.68 36.21
CA TYR B 258 -0.26 -12.99 35.84
C TYR B 258 -0.84 -13.53 34.53
N ARG B 259 -2.14 -13.77 34.52
CA ARG B 259 -2.78 -14.43 33.39
C ARG B 259 -3.80 -13.57 32.65
N GLY B 260 -4.06 -12.36 33.17
CA GLY B 260 -5.01 -11.44 32.55
C GLY B 260 -6.19 -11.05 33.44
N ILE B 261 -6.99 -10.11 32.96
CA ILE B 261 -8.16 -9.61 33.67
C ILE B 261 -9.28 -10.66 33.86
N LEU B 262 -9.59 -11.42 32.82
CA LEU B 262 -10.68 -12.41 32.87
C LEU B 262 -10.38 -13.53 33.88
N TYR B 263 -9.14 -13.99 33.88
CA TYR B 263 -8.66 -14.99 34.84
C TYR B 263 -8.89 -14.53 36.29
N ARG B 264 -8.67 -13.24 36.54
CA ARG B 264 -8.86 -12.69 37.88
C ARG B 264 -10.33 -12.52 38.28
N LEU B 265 -11.16 -12.08 37.35
CA LEU B 265 -12.59 -11.96 37.59
C LEU B 265 -13.24 -13.33 37.79
N LEU B 266 -12.85 -14.32 36.99
CA LEU B 266 -13.38 -15.67 37.12
C LEU B 266 -12.83 -16.39 38.36
N GLY B 267 -11.59 -16.07 38.72
CA GLY B 267 -10.92 -16.69 39.84
C GLY B 267 -11.35 -16.15 41.20
N ASP B 268 -11.54 -14.83 41.29
CA ASP B 268 -11.86 -14.20 42.58
C ASP B 268 -12.59 -12.86 42.42
N SER B 269 -13.89 -12.92 42.14
CA SER B 269 -14.70 -11.72 42.03
C SER B 269 -16.06 -11.91 42.70
N LYS B 270 -16.74 -10.80 42.99
CA LYS B 270 -18.10 -10.86 43.49
C LYS B 270 -19.13 -10.90 42.34
N MET B 271 -18.64 -10.86 41.10
CA MET B 271 -19.52 -10.84 39.93
C MET B 271 -19.95 -12.25 39.52
N SER B 272 -21.22 -12.36 39.11
CA SER B 272 -21.69 -13.59 38.50
C SER B 272 -21.02 -13.76 37.13
N PHE B 273 -21.03 -14.98 36.61
CA PHE B 273 -20.47 -15.23 35.29
C PHE B 273 -21.19 -14.39 34.22
N GLU B 274 -22.47 -14.16 34.46
CA GLU B 274 -23.32 -13.39 33.56
C GLU B 274 -22.87 -11.93 33.46
N ASP B 275 -22.57 -11.31 34.61
CA ASP B 275 -22.07 -9.94 34.63
C ASP B 275 -20.65 -9.79 34.07
N ILE B 276 -19.83 -10.79 34.31
CA ILE B 276 -18.47 -10.85 33.79
C ILE B 276 -18.51 -10.87 32.25
N LYS B 277 -19.29 -11.78 31.69
CA LYS B 277 -19.43 -11.92 30.23
C LYS B 277 -19.99 -10.64 29.59
N ALA B 278 -20.98 -10.04 30.22
CA ALA B 278 -21.53 -8.78 29.74
C ALA B 278 -20.45 -7.70 29.69
N ASN B 279 -19.65 -7.60 30.75
CA ASN B 279 -18.59 -6.59 30.84
C ASN B 279 -17.36 -6.84 29.98
N VAL B 280 -17.01 -8.11 29.78
CA VAL B 280 -15.97 -8.47 28.82
C VAL B 280 -16.34 -7.96 27.43
N THR B 281 -17.60 -8.14 27.03
CA THR B 281 -18.09 -7.70 25.74
C THR B 281 -17.87 -6.20 25.56
N GLU B 282 -18.25 -5.42 26.58
CA GLU B 282 -18.12 -3.95 26.56
C GLU B 282 -16.66 -3.49 26.59
N MET B 283 -15.83 -4.18 27.36
CA MET B 283 -14.40 -3.82 27.42
C MET B 283 -13.71 -4.06 26.07
N LEU B 284 -14.04 -5.17 25.42
CA LEU B 284 -13.52 -5.50 24.09
C LEU B 284 -13.93 -4.45 23.05
N ALA B 285 -15.21 -4.10 23.06
CA ALA B 285 -15.74 -3.12 22.12
C ALA B 285 -15.15 -1.74 22.38
N GLY B 286 -15.04 -1.36 23.65
CA GLY B 286 -14.43 -0.08 24.01
C GLY B 286 -12.97 0.04 23.62
N GLY B 287 -12.26 -1.08 23.58
CA GLY B 287 -10.82 -1.08 23.38
C GLY B 287 -10.27 -0.95 21.96
N VAL B 288 -11.13 -0.83 20.97
CA VAL B 288 -10.67 -0.88 19.58
C VAL B 288 -10.61 0.50 18.86
N ASP B 289 -11.73 1.20 18.75
CA ASP B 289 -11.75 2.42 17.95
C ASP B 289 -11.19 3.69 18.63
N THR B 290 -11.05 3.66 19.96
CA THR B 290 -10.73 4.89 20.68
C THR B 290 -9.23 5.18 20.78
N THR B 291 -8.47 4.24 21.32
CA THR B 291 -7.03 4.40 21.44
C THR B 291 -6.38 4.57 20.06
N SER B 292 -6.88 3.82 19.07
CA SER B 292 -6.34 3.87 17.71
C SER B 292 -6.54 5.23 16.99
N MET B 293 -7.72 5.83 17.12
CA MET B 293 -7.95 7.19 16.58
C MET B 293 -7.09 8.24 17.29
N THR B 294 -6.99 8.11 18.61
CA THR B 294 -6.20 9.05 19.42
C THR B 294 -4.71 8.97 19.08
N LEU B 295 -4.20 7.76 18.91
CA LEU B 295 -2.81 7.55 18.53
C LEU B 295 -2.52 8.09 17.14
N GLN B 296 -3.48 7.90 16.23
CA GLN B 296 -3.34 8.45 14.89
C GLN B 296 -3.25 9.99 14.93
N TRP B 297 -4.08 10.62 15.76
CA TRP B 297 -4.06 12.09 15.92
C TRP B 297 -2.75 12.56 16.57
N HIS B 298 -2.28 11.81 17.56
CA HIS B 298 -1.02 12.11 18.20
C HIS B 298 0.12 12.08 17.18
N LEU B 299 0.19 10.99 16.41
CA LEU B 299 1.20 10.91 15.36
C LEU B 299 1.09 12.09 14.41
N TYR B 300 -0.13 12.41 14.01
CA TYR B 300 -0.41 13.57 13.16
C TYR B 300 0.10 14.89 13.75
N GLU B 301 -0.18 15.13 15.03
CA GLU B 301 0.31 16.34 15.70
C GLU B 301 1.84 16.37 15.80
N MET B 302 2.47 15.22 15.98
CA MET B 302 3.94 15.16 16.01
C MET B 302 4.58 15.46 14.65
N ALA B 303 3.95 14.99 13.58
CA ALA B 303 4.43 15.27 12.22
C ALA B 303 4.22 16.73 11.82
N ARG B 304 3.16 17.34 12.36
CA ARG B 304 2.84 18.76 12.12
C ARG B 304 3.75 19.68 12.92
N ASN B 305 4.26 19.18 14.04
CA ASN B 305 5.00 19.98 15.00
C ASN B 305 6.34 19.30 15.30
N LEU B 306 7.28 19.39 14.37
CA LEU B 306 8.55 18.65 14.46
C LEU B 306 9.43 18.99 15.69
N LYS B 307 9.37 20.24 16.17
CA LYS B 307 10.09 20.64 17.38
C LYS B 307 9.56 19.89 18.60
N VAL B 308 8.23 19.82 18.71
CA VAL B 308 7.60 19.03 19.76
C VAL B 308 7.99 17.55 19.62
N GLN B 309 7.99 17.04 18.38
CA GLN B 309 8.37 15.64 18.16
C GLN B 309 9.80 15.36 18.69
N ASP B 310 10.74 16.26 18.38
CA ASP B 310 12.13 16.19 18.91
C ASP B 310 12.19 16.20 20.44
N MET B 311 11.43 17.09 21.06
CA MET B 311 11.39 17.19 22.52
C MET B 311 10.89 15.90 23.16
N LEU B 312 9.83 15.32 22.60
CA LEU B 312 9.29 14.08 23.14
C LEU B 312 10.28 12.92 22.98
N ARG B 313 10.96 12.85 21.84
CA ARG B 313 11.92 11.77 21.61
C ARG B 313 13.11 11.88 22.59
N ALA B 314 13.63 13.11 22.75
CA ALA B 314 14.73 13.37 23.71
C ALA B 314 14.34 12.99 25.15
N GLU B 315 13.10 13.25 25.53
CA GLU B 315 12.64 12.86 26.87
C GLU B 315 12.54 11.34 27.04
N VAL B 316 12.05 10.66 26.00
CA VAL B 316 11.90 9.20 26.02
C VAL B 316 13.27 8.50 26.06
N LEU B 317 14.21 8.97 25.23
CA LEU B 317 15.59 8.45 25.25
C LEU B 317 16.26 8.64 26.61
N ALA B 318 16.08 9.81 27.22
CA ALA B 318 16.61 10.08 28.56
C ALA B 318 16.00 9.14 29.57
N ALA B 319 14.67 8.97 29.51
CA ALA B 319 13.96 8.11 30.45
C ALA B 319 14.39 6.66 30.34
N ARG B 320 14.55 6.17 29.12
CA ARG B 320 14.98 4.78 28.91
C ARG B 320 16.34 4.51 29.56
N HIS B 321 17.29 5.41 29.33
CA HIS B 321 18.63 5.33 29.92
C HIS B 321 18.61 5.43 31.45
N GLN B 322 17.85 6.39 31.97
CA GLN B 322 17.76 6.60 33.43
C GLN B 322 17.14 5.40 34.15
N ALA B 323 16.15 4.78 33.51
CA ALA B 323 15.46 3.61 34.06
C ALA B 323 16.22 2.31 33.83
N GLN B 324 17.32 2.41 33.08
CA GLN B 324 18.13 1.26 32.65
C GLN B 324 17.28 0.19 31.96
N GLY B 325 16.39 0.64 31.07
CA GLY B 325 15.56 -0.28 30.29
C GLY B 325 14.19 -0.62 30.86
N ASP B 326 14.02 -0.48 32.19
CA ASP B 326 12.79 -0.91 32.88
C ASP B 326 11.56 -0.06 32.51
N MET B 327 10.52 -0.70 31.98
CA MET B 327 9.31 0.01 31.54
C MET B 327 8.55 0.67 32.69
N ALA B 328 8.39 -0.04 33.81
CA ALA B 328 7.72 0.51 34.99
C ALA B 328 8.37 1.81 35.48
N THR B 329 9.69 1.80 35.61
CA THR B 329 10.45 2.97 36.05
C THR B 329 10.33 4.12 35.04
N MET B 330 10.43 3.77 33.77
CA MET B 330 10.40 4.71 32.66
C MET B 330 9.11 5.54 32.59
N LEU B 331 7.98 4.90 32.94
CA LEU B 331 6.67 5.51 32.84
C LEU B 331 6.47 6.63 33.87
N GLN B 332 7.36 6.68 34.86
CA GLN B 332 7.38 7.80 35.81
C GLN B 332 8.41 8.88 35.40
N LEU B 333 9.03 8.72 34.24
CA LEU B 333 10.07 9.66 33.81
C LEU B 333 9.75 10.37 32.49
N VAL B 334 8.52 10.23 32.02
CA VAL B 334 8.07 10.86 30.77
C VAL B 334 6.90 11.86 30.96
N PRO B 335 7.07 12.89 31.83
CA PRO B 335 5.95 13.81 32.07
C PRO B 335 5.45 14.58 30.82
N LEU B 336 6.36 14.97 29.94
CA LEU B 336 5.97 15.68 28.71
C LEU B 336 5.20 14.80 27.73
N LEU B 337 5.51 13.50 27.71
CA LEU B 337 4.78 12.55 26.85
C LEU B 337 3.35 12.34 27.35
N LYS B 338 3.20 12.18 28.67
CA LYS B 338 1.88 12.11 29.28
C LYS B 338 1.06 13.38 29.06
N ALA B 339 1.73 14.52 29.07
CA ALA B 339 1.11 15.81 28.77
C ALA B 339 0.70 15.89 27.30
N SER B 340 1.48 15.30 26.41
CA SER B 340 1.17 15.36 24.99
C SER B 340 -0.11 14.56 24.67
N ILE B 341 -0.41 13.56 25.50
CA ILE B 341 -1.62 12.76 25.37
C ILE B 341 -2.86 13.56 25.80
N LYS B 342 -2.72 14.31 26.91
CA LYS B 342 -3.76 15.26 27.33
C LYS B 342 -3.99 16.31 26.26
N GLU B 343 -2.90 16.82 25.70
CA GLU B 343 -2.95 17.80 24.62
C GLU B 343 -3.61 17.26 23.34
N THR B 344 -3.34 15.99 23.01
CA THR B 344 -3.98 15.35 21.85
C THR B 344 -5.50 15.22 22.04
N LEU B 345 -5.91 14.79 23.23
CA LEU B 345 -7.32 14.68 23.56
C LEU B 345 -8.03 16.04 23.72
N ARG B 346 -7.27 17.08 24.06
CA ARG B 346 -7.80 18.45 24.09
C ARG B 346 -8.28 18.89 22.71
N LEU B 347 -7.39 18.76 21.73
CA LEU B 347 -7.68 19.14 20.36
C LEU B 347 -8.55 18.13 19.64
N HIS B 348 -8.37 16.85 19.94
CA HIS B 348 -9.09 15.78 19.26
C HIS B 348 -9.78 14.83 20.23
N PRO B 349 -10.81 15.31 20.96
CA PRO B 349 -11.51 14.42 21.87
C PRO B 349 -12.21 13.28 21.12
N ILE B 350 -12.28 12.12 21.75
CA ILE B 350 -13.10 11.02 21.27
C ILE B 350 -14.59 11.34 21.49
N SER B 351 -14.90 11.93 22.65
CA SER B 351 -16.27 12.22 23.11
C SER B 351 -16.64 13.69 22.91
N VAL B 352 -17.63 14.00 22.06
CA VAL B 352 -17.98 15.41 21.82
C VAL B 352 -18.36 16.16 23.08
N THR B 353 -19.02 15.46 24.01
CA THR B 353 -19.52 16.05 25.24
C THR B 353 -19.33 15.07 26.38
N LEU B 354 -19.42 15.60 27.59
CA LEU B 354 -19.75 14.81 28.77
C LEU B 354 -21.18 15.17 29.14
N GLN B 355 -21.91 14.26 29.77
CA GLN B 355 -23.28 14.54 30.19
C GLN B 355 -23.53 13.96 31.58
N ARG B 356 -24.30 14.69 32.38
CA ARG B 356 -24.83 14.20 33.64
C ARG B 356 -26.29 14.65 33.82
N TYR B 357 -27.14 13.76 34.31
CA TYR B 357 -28.48 14.16 34.75
C TYR B 357 -28.37 14.71 36.16
N LEU B 358 -28.97 15.88 36.40
CA LEU B 358 -28.90 16.50 37.72
C LEU B 358 -29.71 15.72 38.73
N VAL B 359 -29.14 15.51 39.91
CA VAL B 359 -29.84 14.83 41.01
C VAL B 359 -30.69 15.86 41.77
N ASN B 360 -30.09 17.02 42.04
CA ASN B 360 -30.76 18.15 42.68
C ASN B 360 -30.75 19.39 41.79
N ASP B 361 -31.63 20.34 42.11
CA ASP B 361 -31.61 21.68 41.52
C ASP B 361 -30.19 22.25 41.59
N LEU B 362 -29.84 23.06 40.60
CA LEU B 362 -28.49 23.60 40.50
C LEU B 362 -28.48 24.94 39.80
N VAL B 363 -27.65 25.85 40.30
CA VAL B 363 -27.53 27.17 39.71
C VAL B 363 -26.25 27.26 38.89
N LEU B 364 -26.39 27.55 37.61
CA LEU B 364 -25.26 27.85 36.74
C LEU B 364 -25.49 29.17 36.03
N ARG B 365 -24.56 30.09 36.22
CA ARG B 365 -24.60 31.43 35.62
C ARG B 365 -25.88 32.19 35.95
N ASP B 366 -26.31 32.09 37.20
CA ASP B 366 -27.53 32.74 37.69
C ASP B 366 -28.84 32.26 37.03
N TYR B 367 -28.80 31.05 36.46
CA TYR B 367 -30.00 30.37 36.00
C TYR B 367 -30.26 29.14 36.87
N MET B 368 -31.52 28.92 37.22
CA MET B 368 -31.92 27.78 38.01
C MET B 368 -32.13 26.58 37.07
N ILE B 369 -31.40 25.49 37.31
CA ILE B 369 -31.55 24.29 36.50
C ILE B 369 -32.14 23.16 37.34
N PRO B 370 -33.40 22.78 37.04
CA PRO B 370 -34.10 21.80 37.87
C PRO B 370 -33.46 20.41 37.87
N ALA B 371 -33.69 19.68 38.95
CA ALA B 371 -33.30 18.29 39.07
C ALA B 371 -33.84 17.47 37.90
N LYS B 372 -33.09 16.42 37.54
CA LYS B 372 -33.43 15.54 36.39
C LYS B 372 -33.16 16.15 35.01
N THR B 373 -32.70 17.39 34.96
CA THR B 373 -32.27 18.00 33.69
C THR B 373 -30.95 17.40 33.22
N LEU B 374 -30.86 17.14 31.92
CA LEU B 374 -29.62 16.69 31.32
C LEU B 374 -28.72 17.89 31.05
N VAL B 375 -27.50 17.82 31.59
CA VAL B 375 -26.49 18.87 31.36
C VAL B 375 -25.30 18.29 30.61
N GLN B 376 -24.91 18.95 29.52
CA GLN B 376 -23.81 18.51 28.68
C GLN B 376 -22.64 19.49 28.68
N VAL B 377 -21.43 18.99 28.87
CA VAL B 377 -20.24 19.81 28.80
C VAL B 377 -19.64 19.64 27.40
N ALA B 378 -19.64 20.72 26.60
CA ALA B 378 -19.15 20.66 25.24
C ALA B 378 -17.62 20.64 25.21
N ILE B 379 -17.08 19.43 25.32
CA ILE B 379 -15.66 19.21 25.44
C ILE B 379 -14.87 19.58 24.18
N TYR B 380 -15.42 19.27 23.00
CA TYR B 380 -14.81 19.72 21.74
C TYR B 380 -14.77 21.26 21.63
N ALA B 381 -15.91 21.90 21.91
CA ALA B 381 -15.97 23.37 21.84
C ALA B 381 -15.03 24.01 22.86
N LEU B 382 -15.00 23.45 24.07
CA LEU B 382 -14.08 23.92 25.10
C LEU B 382 -12.62 23.91 24.62
N GLY B 383 -12.21 22.80 24.01
CA GLY B 383 -10.83 22.63 23.56
C GLY B 383 -10.36 23.61 22.50
N ARG B 384 -11.29 24.12 21.69
CA ARG B 384 -10.95 25.08 20.64
C ARG B 384 -11.21 26.54 21.02
N GLU B 385 -11.61 26.79 22.27
CA GLU B 385 -12.04 28.12 22.68
C GLU B 385 -10.85 28.98 23.22
N PRO B 386 -10.57 30.12 22.56
CA PRO B 386 -9.38 30.91 22.93
C PRO B 386 -9.44 31.65 24.28
N THR B 387 -10.62 31.72 24.90
CA THR B 387 -10.71 32.27 26.26
C THR B 387 -10.32 31.26 27.33
N PHE B 388 -10.36 29.96 26.99
CA PHE B 388 -10.02 28.94 27.97
C PHE B 388 -8.65 28.28 27.74
N PHE B 389 -8.14 28.37 26.51
CA PHE B 389 -6.80 27.88 26.21
C PHE B 389 -6.07 28.92 25.40
N PHE B 390 -4.87 29.28 25.85
CA PHE B 390 -4.02 30.20 25.12
C PHE B 390 -3.60 29.58 23.80
N ASP B 391 -3.89 30.27 22.70
CA ASP B 391 -3.57 29.80 21.35
C ASP B 391 -4.00 28.32 21.16
N PRO B 392 -5.33 28.05 21.16
CA PRO B 392 -5.88 26.69 21.22
C PRO B 392 -5.56 25.78 20.02
N GLU B 393 -5.37 26.37 18.84
CA GLU B 393 -4.99 25.60 17.66
C GLU B 393 -3.55 25.08 17.70
N ASN B 394 -2.74 25.59 18.62
CA ASN B 394 -1.36 25.15 18.73
C ASN B 394 -1.25 23.86 19.56
N PHE B 395 -0.50 22.89 19.04
CA PHE B 395 -0.23 21.66 19.78
C PHE B 395 0.93 21.92 20.73
N ASP B 396 0.61 22.02 22.03
CA ASP B 396 1.57 22.45 23.04
C ASP B 396 1.46 21.69 24.36
N PRO B 397 2.16 20.54 24.48
CA PRO B 397 2.13 19.73 25.70
C PRO B 397 2.54 20.43 27.02
N THR B 398 3.46 21.40 26.96
CA THR B 398 3.95 22.12 28.17
C THR B 398 2.83 22.87 28.89
N ARG B 399 1.81 23.26 28.12
CA ARG B 399 0.55 23.78 28.64
C ARG B 399 0.08 23.05 29.91
N TRP B 400 0.29 21.72 29.93
CA TRP B 400 -0.14 20.85 31.04
C TRP B 400 0.88 20.73 32.18
N LEU B 401 2.03 21.37 32.03
CA LEU B 401 3.06 21.38 33.06
C LEU B 401 3.17 22.75 33.76
N SER B 402 2.32 23.69 33.34
CA SER B 402 2.29 25.05 33.89
C SER B 402 2.05 25.03 35.40
N LYS B 403 2.88 25.76 36.15
CA LYS B 403 2.80 25.80 37.62
C LYS B 403 1.71 26.75 38.12
N ASP B 404 1.16 27.56 37.20
CA ASP B 404 0.05 28.46 37.47
C ASP B 404 -1.12 27.74 38.14
N LYS B 405 -1.44 26.54 37.64
CA LYS B 405 -2.51 25.67 38.16
C LYS B 405 -3.91 26.30 38.08
N ASN B 406 -4.02 27.39 37.35
CA ASN B 406 -5.30 27.98 36.97
C ASN B 406 -5.56 27.68 35.50
N ILE B 407 -4.46 27.37 34.81
CA ILE B 407 -4.45 27.10 33.38
C ILE B 407 -5.02 25.70 33.08
N THR B 408 -4.91 24.78 34.03
CA THR B 408 -5.35 23.40 33.83
C THR B 408 -6.62 23.03 34.61
N TYR B 409 -7.20 24.00 35.33
CA TYR B 409 -8.38 23.75 36.16
C TYR B 409 -9.58 23.23 35.35
N PHE B 410 -10.01 22.00 35.67
CA PHE B 410 -11.09 21.29 34.97
C PHE B 410 -10.99 21.34 33.43
N ARG B 411 -9.78 21.10 32.92
CA ARG B 411 -9.53 21.12 31.46
C ARG B 411 -9.22 19.72 30.92
N ASN B 412 -8.78 18.82 31.79
CA ASN B 412 -8.37 17.46 31.37
C ASN B 412 -9.57 16.52 31.41
N LEU B 413 -10.46 16.65 30.44
CA LEU B 413 -11.76 15.99 30.52
C LEU B 413 -12.01 14.85 29.52
N GLY B 414 -11.02 14.55 28.69
CA GLY B 414 -11.14 13.51 27.67
C GLY B 414 -11.65 12.15 28.11
N PHE B 415 -11.38 11.76 29.36
CA PHE B 415 -11.86 10.49 29.93
C PHE B 415 -13.01 10.70 30.93
N GLY B 416 -13.57 11.90 30.93
CA GLY B 416 -14.61 12.25 31.90
C GLY B 416 -14.05 12.51 33.28
N TRP B 417 -14.88 12.27 34.29
CA TRP B 417 -14.58 12.69 35.65
C TRP B 417 -15.30 11.81 36.67
N GLY B 418 -14.68 11.64 37.83
CA GLY B 418 -15.34 11.05 39.00
C GLY B 418 -15.44 9.55 38.94
N VAL B 419 -16.39 9.02 39.70
CA VAL B 419 -16.57 7.57 39.88
C VAL B 419 -17.06 6.85 38.63
N ARG B 420 -17.72 7.58 37.74
CA ARG B 420 -18.19 6.99 36.48
C ARG B 420 -17.40 7.48 35.25
N GLN B 421 -16.17 7.95 35.47
CA GLN B 421 -15.24 8.26 34.38
C GLN B 421 -14.95 7.01 33.54
N CYS B 422 -14.24 7.17 32.44
CA CYS B 422 -13.88 6.04 31.57
C CYS B 422 -13.35 4.84 32.35
N LEU B 423 -13.97 3.68 32.16
CA LEU B 423 -13.49 2.46 32.82
C LEU B 423 -12.13 2.01 32.28
N GLY B 424 -11.91 2.23 30.98
CA GLY B 424 -10.67 1.81 30.36
C GLY B 424 -9.55 2.83 30.45
N ARG B 425 -9.71 3.84 31.29
CA ARG B 425 -8.77 4.97 31.32
C ARG B 425 -7.30 4.55 31.54
N ARG B 426 -7.06 3.63 32.48
CA ARG B 426 -5.70 3.21 32.78
C ARG B 426 -5.13 2.34 31.67
N ILE B 427 -5.95 1.42 31.15
CA ILE B 427 -5.56 0.61 30.01
C ILE B 427 -5.19 1.51 28.82
N ALA B 428 -6.08 2.44 28.47
CA ALA B 428 -5.87 3.36 27.36
C ALA B 428 -4.61 4.23 27.55
N GLU B 429 -4.46 4.85 28.71
CA GLU B 429 -3.30 5.69 28.99
C GLU B 429 -1.98 4.91 28.89
N LEU B 430 -1.94 3.75 29.55
CA LEU B 430 -0.77 2.89 29.50
C LEU B 430 -0.46 2.41 28.08
N GLU B 431 -1.50 1.99 27.36
CA GLU B 431 -1.34 1.47 25.99
C GLU B 431 -0.77 2.51 25.03
N MET B 432 -1.30 3.74 25.13
CA MET B 432 -0.85 4.84 24.29
C MET B 432 0.55 5.32 24.66
N THR B 433 0.81 5.44 25.96
CA THR B 433 2.13 5.89 26.42
C THR B 433 3.23 4.89 26.07
N ILE B 434 2.95 3.60 26.23
CA ILE B 434 3.89 2.55 25.84
C ILE B 434 4.07 2.48 24.32
N PHE B 435 2.98 2.70 23.58
CA PHE B 435 3.03 2.68 22.13
C PHE B 435 3.95 3.79 21.66
N LEU B 436 3.74 4.98 22.21
CA LEU B 436 4.49 6.16 21.79
C LEU B 436 5.97 6.12 22.18
N ILE B 437 6.28 5.55 23.35
CA ILE B 437 7.66 5.28 23.73
C ILE B 437 8.36 4.43 22.65
N ASN B 438 7.71 3.34 22.23
CA ASN B 438 8.30 2.42 21.26
C ASN B 438 8.47 3.05 19.88
N MET B 439 7.46 3.81 19.47
CA MET B 439 7.50 4.54 18.21
C MET B 439 8.57 5.64 18.19
N LEU B 440 8.65 6.42 19.27
CA LEU B 440 9.61 7.53 19.37
C LEU B 440 11.07 7.07 19.35
N GLU B 441 11.35 5.94 19.98
CA GLU B 441 12.69 5.32 19.97
C GLU B 441 13.10 4.77 18.60
N ASN B 442 12.12 4.45 17.77
CA ASN B 442 12.40 3.72 16.53
C ASN B 442 12.22 4.48 15.25
N PHE B 443 11.34 5.49 15.24
CA PHE B 443 11.00 6.19 14.00
C PHE B 443 10.87 7.70 14.14
N ARG B 444 11.15 8.38 13.04
CA ARG B 444 10.73 9.76 12.81
C ARG B 444 9.49 9.72 11.93
N VAL B 445 8.48 10.50 12.29
CA VAL B 445 7.22 10.53 11.55
C VAL B 445 6.97 11.87 10.87
N GLU B 446 6.56 11.79 9.60
CA GLU B 446 6.25 12.97 8.78
C GLU B 446 4.92 12.80 8.01
N ILE B 447 4.34 13.92 7.60
CA ILE B 447 3.20 13.95 6.67
C ILE B 447 3.57 14.85 5.49
N GLN B 448 3.09 14.50 4.31
CA GLN B 448 3.44 15.24 3.08
C GLN B 448 2.56 16.46 2.90
N HIS B 449 1.26 16.22 2.73
CA HIS B 449 0.31 17.26 2.31
C HIS B 449 0.29 18.47 3.24
N LEU B 450 0.42 18.22 4.55
CA LEU B 450 0.47 19.28 5.57
C LEU B 450 -0.81 20.12 5.66
N SER B 451 -1.84 19.70 4.92
CA SER B 451 -3.15 20.36 5.00
C SER B 451 -3.88 19.89 6.25
N ASP B 452 -4.73 20.77 6.79
CA ASP B 452 -5.43 20.51 8.05
C ASP B 452 -6.52 19.47 7.86
N VAL B 453 -6.38 18.34 8.53
CA VAL B 453 -7.37 17.29 8.45
C VAL B 453 -8.50 17.63 9.42
N GLY B 454 -9.71 17.73 8.87
CA GLY B 454 -10.89 18.04 9.67
C GLY B 454 -11.37 16.86 10.50
N THR B 455 -12.50 17.06 11.16
CA THR B 455 -13.06 16.10 12.09
C THR B 455 -14.49 15.76 11.69
N THR B 456 -14.83 14.48 11.75
CA THR B 456 -16.21 14.06 11.51
C THR B 456 -16.79 13.29 12.70
N PHE B 457 -18.09 13.46 12.92
CA PHE B 457 -18.76 12.79 14.03
C PHE B 457 -19.38 11.48 13.55
N ASN B 458 -18.78 10.37 13.98
CA ASN B 458 -19.29 9.01 13.72
C ASN B 458 -19.55 8.31 15.05
N LEU B 459 -20.41 8.95 15.85
CA LEU B 459 -20.61 8.67 17.28
C LEU B 459 -19.38 9.00 18.14
N ILE B 460 -18.24 8.38 17.86
CA ILE B 460 -16.97 8.92 18.32
C ILE B 460 -16.46 9.92 17.27
N LEU B 461 -15.63 10.86 17.70
CA LEU B 461 -15.06 11.82 16.74
C LEU B 461 -13.86 11.18 16.04
N MET B 462 -13.72 11.49 14.76
CA MET B 462 -12.73 10.85 13.88
C MET B 462 -12.21 11.79 12.83
N PRO B 463 -11.02 11.51 12.26
CA PRO B 463 -10.54 12.31 11.10
C PRO B 463 -11.58 12.23 10.00
N GLU B 464 -11.82 13.37 9.34
CA GLU B 464 -12.77 13.44 8.24
C GLU B 464 -12.26 12.74 6.97
N LYS B 465 -10.94 12.64 6.82
CA LYS B 465 -10.32 11.96 5.67
C LYS B 465 -9.07 11.19 6.12
N PRO B 466 -8.60 10.23 5.29
CA PRO B 466 -7.41 9.46 5.63
C PRO B 466 -6.16 10.30 5.83
N ILE B 467 -5.29 9.84 6.73
CA ILE B 467 -4.02 10.50 7.00
C ILE B 467 -2.93 9.51 6.59
N SER B 468 -2.07 9.88 5.64
CA SER B 468 -0.93 9.03 5.30
C SER B 468 0.39 9.58 5.85
N PHE B 469 1.10 8.72 6.57
CA PHE B 469 2.35 9.08 7.19
C PHE B 469 3.54 8.55 6.40
N THR B 470 4.69 9.20 6.57
CA THR B 470 5.96 8.63 6.16
C THR B 470 6.78 8.38 7.42
N PHE B 471 7.26 7.16 7.59
CA PHE B 471 8.10 6.78 8.72
C PHE B 471 9.55 6.54 8.26
N TRP B 472 10.50 7.14 8.98
CA TRP B 472 11.94 6.92 8.78
C TRP B 472 12.52 6.28 10.04
N PRO B 473 13.41 5.28 9.89
CA PRO B 473 14.08 4.69 11.05
C PRO B 473 15.02 5.70 11.71
N PHE B 474 14.86 5.91 13.01
CA PHE B 474 15.63 6.92 13.75
C PHE B 474 17.02 6.40 14.10
N GLY C 43 14.27 -9.11 -50.08
CA GLY C 43 13.11 -9.12 -49.14
C GLY C 43 13.12 -10.36 -48.27
N ALA C 44 14.06 -10.39 -47.33
CA ALA C 44 14.32 -11.57 -46.51
C ALA C 44 13.18 -11.94 -45.56
N CYS C 45 12.55 -10.95 -44.92
CA CYS C 45 11.42 -11.21 -44.02
C CYS C 45 10.13 -11.55 -44.78
N GLU C 46 10.13 -11.26 -46.09
CA GLU C 46 9.05 -11.60 -47.03
C GLU C 46 7.76 -10.78 -46.84
N GLY C 47 7.90 -9.46 -46.88
CA GLY C 47 6.77 -8.54 -46.93
C GLY C 47 5.95 -8.32 -45.67
N THR C 48 6.58 -8.46 -44.50
CA THR C 48 5.86 -8.32 -43.22
C THR C 48 6.35 -7.14 -42.37
N LEU C 49 7.10 -6.23 -42.99
CA LEU C 49 7.73 -5.09 -42.31
C LEU C 49 8.62 -5.52 -41.13
N ALA C 50 9.40 -6.59 -41.34
CA ALA C 50 10.22 -7.17 -40.28
C ALA C 50 11.72 -7.19 -40.60
N CYS C 51 12.11 -6.46 -41.65
CA CYS C 51 13.52 -6.23 -42.00
C CYS C 51 13.67 -4.91 -42.77
N SER C 52 14.74 -4.77 -43.53
CA SER C 52 14.92 -3.59 -44.39
C SER C 52 15.62 -3.92 -45.71
N THR C 53 15.62 -5.20 -46.07
CA THR C 53 16.30 -5.70 -47.28
C THR C 53 15.57 -5.39 -48.58
N CYS C 54 14.37 -4.83 -48.48
CA CYS C 54 13.58 -4.44 -49.65
C CYS C 54 13.65 -2.93 -49.94
N HIS C 55 14.63 -2.26 -49.32
CA HIS C 55 14.85 -0.82 -49.48
C HIS C 55 15.16 -0.44 -50.93
N LEU C 56 14.22 0.26 -51.56
CA LEU C 56 14.33 0.67 -52.97
C LEU C 56 14.46 2.18 -53.14
N ASP C 71 4.91 5.21 -38.88
CA ASP C 71 5.85 5.25 -37.77
C ASP C 71 6.78 4.03 -37.79
N GLU C 72 6.21 2.86 -38.07
CA GLU C 72 6.94 1.59 -38.08
C GLU C 72 7.91 1.51 -39.24
N GLU C 73 7.47 2.01 -40.40
CA GLU C 73 8.30 2.12 -41.59
C GLU C 73 9.43 3.12 -41.39
N ASN C 74 9.13 4.22 -40.69
CA ASN C 74 10.12 5.24 -40.33
C ASN C 74 11.29 4.70 -39.51
N ASP C 75 11.03 3.74 -38.63
CA ASP C 75 12.05 3.17 -37.75
C ASP C 75 12.94 2.15 -38.47
N MET C 76 12.32 1.34 -39.34
CA MET C 76 13.06 0.39 -40.17
C MET C 76 13.98 1.09 -41.18
N LEU C 77 13.65 2.35 -41.47
CA LEU C 77 14.37 3.16 -42.44
C LEU C 77 15.60 3.84 -41.82
N ASP C 78 15.51 4.18 -40.54
CA ASP C 78 16.60 4.81 -39.81
C ASP C 78 17.76 3.84 -39.50
N LEU C 79 17.50 2.54 -39.71
CA LEU C 79 18.47 1.48 -39.47
C LEU C 79 18.66 0.62 -40.72
N ARG C 88 12.20 4.62 -49.43
CA ARG C 88 11.04 3.88 -48.96
C ARG C 88 11.23 2.37 -49.11
N LEU C 89 10.48 1.60 -48.32
CA LEU C 89 10.57 0.14 -48.33
C LEU C 89 9.70 -0.47 -49.41
N GLY C 90 10.29 -1.38 -50.19
CA GLY C 90 9.64 -2.00 -51.35
C GLY C 90 8.33 -2.72 -51.09
N CYS C 91 8.21 -3.35 -49.91
CA CYS C 91 6.98 -4.05 -49.54
C CYS C 91 5.99 -3.10 -48.85
N GLY D 43 -14.50 8.01 50.25
CA GLY D 43 -13.78 7.11 49.29
C GLY D 43 -14.73 6.35 48.40
N ALA D 44 -15.37 7.07 47.48
CA ALA D 44 -16.46 6.54 46.66
C ALA D 44 -16.08 5.36 45.76
N CYS D 45 -14.89 5.40 45.16
CA CYS D 45 -14.40 4.29 44.33
C CYS D 45 -13.76 3.17 45.16
N GLU D 46 -13.64 3.40 46.47
CA GLU D 46 -13.15 2.39 47.42
C GLU D 46 -11.69 1.96 47.20
N GLY D 47 -10.81 2.96 47.04
CA GLY D 47 -9.36 2.75 47.05
C GLY D 47 -8.72 2.16 45.81
N THR D 48 -9.19 2.59 44.63
CA THR D 48 -8.64 2.11 43.36
C THR D 48 -8.10 3.25 42.49
N LEU D 49 -8.02 4.45 43.05
CA LEU D 49 -7.58 5.67 42.35
C LEU D 49 -8.46 5.98 41.11
N ALA D 50 -9.78 5.95 41.32
CA ALA D 50 -10.76 6.14 40.25
C ALA D 50 -11.78 7.24 40.54
N CYS D 51 -11.51 8.04 41.57
CA CYS D 51 -12.27 9.26 41.90
C CYS D 51 -11.36 10.23 42.64
N SER D 52 -11.95 11.20 43.35
CA SER D 52 -11.18 12.15 44.14
C SER D 52 -11.84 12.49 45.49
N THR D 53 -12.73 11.61 45.94
CA THR D 53 -13.54 11.83 47.14
C THR D 53 -12.80 11.50 48.46
N CYS D 54 -11.55 11.06 48.34
CA CYS D 54 -10.71 10.76 49.50
C CYS D 54 -9.67 11.85 49.75
N HIS D 55 -9.91 13.03 49.17
CA HIS D 55 -9.02 14.18 49.31
C HIS D 55 -8.94 14.66 50.76
N LEU D 56 -7.75 14.51 51.36
CA LEU D 56 -7.51 14.87 52.76
C LEU D 56 -6.49 15.99 52.90
N ASP D 71 1.94 10.62 38.63
CA ASP D 71 1.33 11.34 37.51
C ASP D 71 -0.19 11.17 37.50
N GLU D 72 -0.65 9.95 37.79
CA GLU D 72 -2.08 9.62 37.80
C GLU D 72 -2.80 10.32 38.96
N GLU D 73 -2.15 10.29 40.13
CA GLU D 73 -2.67 10.93 41.34
C GLU D 73 -2.77 12.45 41.16
N ASN D 74 -1.81 13.02 40.42
CA ASN D 74 -1.79 14.45 40.13
C ASN D 74 -2.91 14.92 39.19
N ASP D 75 -3.35 14.03 38.29
CA ASP D 75 -4.46 14.33 37.39
C ASP D 75 -5.80 14.29 38.12
N MET D 76 -5.95 13.31 39.02
CA MET D 76 -7.12 13.19 39.89
C MET D 76 -7.22 14.37 40.86
N LEU D 77 -6.07 14.98 41.16
CA LEU D 77 -5.95 16.04 42.14
C LEU D 77 -6.29 17.43 41.58
N ASP D 78 -6.02 17.63 40.29
CA ASP D 78 -6.27 18.92 39.62
C ASP D 78 -7.76 19.18 39.35
N LEU D 79 -8.62 18.42 40.02
CA LEU D 79 -10.06 18.50 39.84
C LEU D 79 -10.80 18.69 41.17
N ARG D 88 -3.35 16.00 48.93
CA ARG D 88 -3.02 14.61 48.64
C ARG D 88 -4.20 13.67 48.89
N LEU D 89 -4.39 12.71 47.99
CA LEU D 89 -5.48 11.73 48.08
C LEU D 89 -5.20 10.68 49.13
N GLY D 90 -6.19 10.42 49.97
CA GLY D 90 -6.08 9.45 51.06
C GLY D 90 -5.96 7.99 50.63
N CYS D 91 -5.87 7.78 49.32
CA CYS D 91 -5.69 6.44 48.74
C CYS D 91 -4.31 5.87 49.00
CHA HEM E . 14.13 -11.49 -29.33
CHB HEM E . 13.80 -7.37 -26.73
CHC HEM E . 9.15 -8.32 -25.87
CHD HEM E . 9.61 -12.68 -27.92
C1A HEM E . 14.45 -10.29 -28.72
C2A HEM E . 15.71 -9.59 -28.81
C3A HEM E . 15.61 -8.46 -28.10
C4A HEM E . 14.28 -8.40 -27.53
CMA HEM E . 16.72 -7.40 -27.90
CAA HEM E . 16.95 -10.06 -29.61
CBA HEM E . 16.85 -9.41 -31.00
CGA HEM E . 18.10 -9.62 -31.85
O1A HEM E . 18.89 -10.57 -31.61
O2A HEM E . 18.31 -8.81 -32.80
C1B HEM E . 12.51 -7.22 -26.28
C2B HEM E . 11.92 -6.08 -25.61
C3B HEM E . 10.62 -6.36 -25.36
C4B HEM E . 10.37 -7.68 -25.90
CMB HEM E . 12.69 -4.78 -25.24
CAB HEM E . 9.50 -5.54 -24.68
CBB HEM E . 9.70 -4.38 -24.04
C1C HEM E . 8.85 -9.55 -26.38
C2C HEM E . 7.53 -10.14 -26.44
C3C HEM E . 7.66 -11.33 -27.01
C4C HEM E . 9.05 -11.57 -27.33
CMC HEM E . 6.21 -9.48 -25.96
CAC HEM E . 6.50 -12.31 -27.27
CBC HEM E . 6.12 -12.57 -28.52
C1D HEM E . 10.86 -12.80 -28.50
C2D HEM E . 11.36 -13.96 -29.20
C3D HEM E . 12.77 -13.59 -29.64
C4D HEM E . 12.99 -12.24 -29.16
CMD HEM E . 10.63 -15.31 -29.46
CAD HEM E . 13.73 -14.48 -30.46
CBD HEM E . 13.32 -14.31 -31.92
CGD HEM E . 14.23 -15.11 -32.86
O1D HEM E . 13.80 -15.34 -34.00
O2D HEM E . 15.37 -15.49 -32.47
NA HEM E . 13.60 -9.51 -27.95
NB HEM E . 11.52 -8.16 -26.47
NC HEM E . 9.74 -10.44 -26.95
ND HEM E . 11.85 -11.82 -28.50
FE HEM E . 11.69 -9.94 -27.51
C1 HC9 F . 21.77 -11.74 -21.85
O1 HC9 F . 25.49 -12.26 -22.25
C2 HC9 F . 23.27 -11.45 -21.68
O2 HC9 F . 12.14 -11.49 -25.50
C3 HC9 F . 24.09 -12.46 -22.49
C4 HC9 F . 23.77 -12.28 -23.98
C5 HC9 F . 22.27 -12.37 -24.18
C6 HC9 F . 21.82 -13.18 -25.14
C7 HC9 F . 20.36 -13.52 -25.34
C8 HC9 F . 19.49 -12.34 -24.91
C9 HC9 F . 19.86 -12.02 -23.45
C10 HC9 F . 21.32 -11.56 -23.31
C11 HC9 F . 18.85 -11.07 -22.75
C12 HC9 F . 17.40 -11.54 -22.92
C13 HC9 F . 17.03 -11.67 -24.40
C14 HC9 F . 18.00 -12.68 -25.01
C15 HC9 F . 17.42 -13.04 -26.37
C16 HC9 F . 15.92 -13.03 -26.10
C17 HC9 F . 15.72 -12.42 -24.69
C18 HC9 F . 17.04 -10.29 -25.08
C19 HC9 F . 21.42 -10.08 -23.72
C20 HC9 F . 14.40 -11.62 -24.59
C21 HC9 F . 14.11 -11.07 -23.19
C22 HC9 F . 13.20 -12.41 -25.14
C23 HC9 F . 12.66 -13.45 -24.17
C24 HC9 F . 12.08 -14.67 -24.87
C25 HC9 F . 12.24 -15.99 -24.13
C26 HC9 F . 11.35 -17.06 -24.75
C27 HC9 F . 11.91 -15.89 -22.64
CHA HEM G . -16.70 5.73 29.44
CHB HEM G . -13.46 8.12 26.71
CHC HEM G . -11.01 4.02 25.90
CHD HEM G . -14.49 1.53 28.20
C1A HEM G . -16.03 6.76 28.79
C2A HEM G . -16.36 8.17 28.85
C3A HEM G . -15.46 8.82 28.10
C4A HEM G . -14.53 7.85 27.54
CMA HEM G . -15.40 10.33 27.85
CAA HEM G . -17.54 8.82 29.64
CBA HEM G . -17.09 9.02 31.08
CGA HEM G . -18.00 9.95 31.85
O1A HEM G . -19.25 9.92 31.71
O2A HEM G . -17.45 10.73 32.65
C1B HEM G . -12.49 7.24 26.26
C2B HEM G . -11.27 7.58 25.55
C3B HEM G . -10.59 6.44 25.33
C4B HEM G . -11.36 5.36 25.90
CMB HEM G . -10.84 9.01 25.13
CAB HEM G . -9.24 6.23 24.59
CBB HEM G . -8.30 7.19 24.49
C1C HEM G . -11.70 2.98 26.50
C2C HEM G . -11.25 1.61 26.60
C3C HEM G . -12.21 0.92 27.24
C4C HEM G . -13.30 1.83 27.56
CMC HEM G . -9.89 1.07 26.07
CAC HEM G . -12.18 -0.59 27.56
CBC HEM G . -11.52 -1.07 28.62
C1D HEM G . -15.41 2.41 28.74
C2D HEM G . -16.58 2.02 29.49
C3D HEM G . -17.28 3.33 29.86
C4D HEM G . -16.45 4.39 29.32
CMD HEM G . -17.07 0.59 29.82
CAD HEM G . -18.57 3.46 30.70
CBD HEM G . -18.16 3.24 32.16
CGD HEM G . -19.32 3.41 33.11
O1D HEM G . -19.20 2.93 34.26
O2D HEM G . -20.35 4.05 32.75
NA HEM G . -14.91 6.61 28.01
NB HEM G . -12.50 5.89 26.47
NC HEM G . -12.95 3.09 27.11
ND HEM G . -15.36 3.80 28.68
FE HEM G . -13.90 4.85 27.61
C1 HC9 H . -22.09 10.74 21.78
O1 HC9 H . -25.10 13.03 22.05
C2 HC9 H . -22.95 12.00 21.53
O2 HC9 H . -15.36 4.07 25.67
C3 HC9 H . -24.24 11.93 22.36
C4 HC9 H . -23.86 11.97 23.83
C5 HC9 H . -22.90 10.82 24.13
C6 HC9 H . -23.20 10.00 25.14
C7 HC9 H . -22.41 8.76 25.49
C8 HC9 H . -20.99 8.82 24.94
C9 HC9 H . -21.02 9.25 23.46
C10 HC9 H . -21.66 10.64 23.26
C11 HC9 H . -19.64 9.13 22.77
C12 HC9 H . -18.98 7.78 22.99
C13 HC9 H . -18.85 7.44 24.48
C14 HC9 H . -20.26 7.48 25.08
C15 HC9 H . -20.11 6.86 26.46
C16 HC9 H . -19.08 5.77 26.22
C17 HC9 H . -18.49 6.00 24.81
C18 HC9 H . -17.86 8.41 25.18
C19 HC9 H . -20.64 11.75 23.60
C20 HC9 H . -17.00 5.60 24.75
C21 HC9 H . -16.42 5.68 23.32
C22 HC9 H . -16.75 4.21 25.37
C23 HC9 H . -17.22 3.07 24.46
C24 HC9 H . -17.44 1.76 25.21
C25 HC9 H . -18.70 1.03 24.76
C26 HC9 H . -18.85 -0.25 25.59
C27 HC9 H . -18.73 0.67 23.28
FE1 FES I . 11.19 -7.34 -44.89
FE2 FES I . 9.85 -5.31 -46.76
S1 FES I . 10.65 -5.22 -44.71
S2 FES I . 10.59 -7.37 -47.02
FE1 FES J . -11.37 6.83 44.84
FE2 FES J . -9.07 7.54 46.78
S1 FES J . -9.50 7.97 44.66
S2 FES J . -11.04 6.59 47.00
#